data_6DDE
#
_entry.id   6DDE
#
_cell.length_a   1
_cell.length_b   1
_cell.length_c   1
_cell.angle_alpha   90
_cell.angle_beta   90
_cell.angle_gamma   90
#
_symmetry.space_group_name_H-M   'P 1'
#
loop_
_entity.id
_entity.type
_entity.pdbx_description
1 polymer 'Guanine nucleotide-binding protein G(i) subunit alpha-1'
2 polymer 'Guanine nucleotide-binding protein G(I)/G(S)/G(T) subunit beta-1'
3 polymer 'Guanine nucleotide-binding protein G(I)/G(S)/G(O) subunit gamma-2'
4 polymer scFv16
5 polymer 'Mu-type opioid receptor'
6 polymer DAMGO
#
loop_
_entity_poly.entity_id
_entity_poly.type
_entity_poly.pdbx_seq_one_letter_code
_entity_poly.pdbx_strand_id
1 'polypeptide(L)'
;MGCTLSAEDKAAVERSKMIDRNLREDGEKAAREVKLLLLGAGESGKSTIVKQMKIIHEAGYSEEECKQYKAVVYSNTIQS
IIAIIRAMGRLKIDFGDSARADDARQLFVLAGAAEEGFMTAELAGVIKRLWKDSGVQACFNRSREYQLNDSAAYYLNDLD
RIAQPNYIPTQQDVLRTRVKTTGIVETHFTFKDLHFKMFDVGGQRSERKKWIHCFEGVTAIIFCVALSDYDLVLAEDEEM
NRMHESMKLFDSICNNKWFTDTSIILFLNKKDLFEEKIKKSPLTICYPEYAGSNTYEEAAAYIQCQFEDLNKRKDTKEIY
THFTCATDTKNVQFVFDAVTDVIIKNNLKDCGLF
;
A
2 'polypeptide(L)'
;PGSSGSELDQLRQEAEQLKNQIRDARKACADATLSQITNNIDPVGRIQMRTRRTLRGHLAKIYAMHWGTDSRLLVSASQD
GKLIIWDSYTTNKVHAIPLRSSWVMTCAYAPSGNYVACGGLDNICSIYNLKTREGNVRVSRELAGHTGYLSCCRFLDDNQ
IVTSSGDTTCALWDIETGQQTTTFTGHTGDVMSLSLAPDTRLFVSGACDASAKLWDVREGMCRQTFTGHESDINAICFFP
NGNAFATGSDDATCRLFDLRADQELMTYSHDNIICGITSVSFSKSGRLLLAGYDDFNCNVWDALKADRAGVLAGHDNRVS
CLGVTDDGMAVATGSWDSFLKIWN
;
B
3 'polypeptide(L)' MASNNTASIAQARKLVEQLKMEANIDRIKVSKAAADLMAYCEAHAKEDPLLTPVPASENPFREKKFFCAIL C
4 'polypeptide(L)'
;DVQLVESGGGLVQPGGSRKLSCSASGFAFSSFGMHWVRQAPEKGLEWVAYISSGSGTIYYADTVKGRFTISRDDPKNTLF
LQMTSLRSEDTAMYYCVRSIYYYGSSPFDFWGQGTTLTVSSGGGGSGGGGSGGGGSDIVMTQATSSVPVTPGESVSISCR
SSKSLLHSNGNTYLYWFLQRPGQSPQLLIYRMSNLASGVPDRFSGSGSGTAFTLTISRLEAEDVGVYYCMQHLEYPLTFG
AGTKLELKAAAHHHHHHHH
;
E
5 'polypeptide(L)'
;NISDCSDPLAPASCSPAPGSWLNLSHVDGNQSDPCGPNRTGLGENLYFQGSHSLCPQTGSPSMVTAITIMALYSIVCVVG
LFGNFLVMYVIVRYTKMKTATNIYIFNLALADALATSTLPFQSVNYLMGTWPFGNILCKIVISIDYYNMFTSIFTLCTMS
VDRYIAVCHPVKALDFRTPRNAKIVNVCNWILSSAIGLPVMFMATTKYRQGSIDCTLTFSHPTWYWENLLKICVFIFAFI
MPVLIITVCYGLMILRLKSVRMLSGSKEKDRNLRRITRMVLVVVAVFIVCWTPIHIYVIIKALITIPETTFQTVSWHFCI
ALGYTNSCLNPVLYAFLDENFKRCFREFCIPTSSTI
;
R
6 'polypeptide(L)' Y(DAL)G(MEA)(ETA) D
#
# COMPACT_ATOMS: atom_id res chain seq x y z
N LEU A 5 15.91 -7.12 22.73
CA LEU A 5 15.33 -7.40 21.42
C LEU A 5 13.81 -7.44 21.49
N SER A 6 13.18 -6.32 21.09
CA SER A 6 11.72 -6.16 20.99
C SER A 6 11.04 -6.42 22.34
N ALA A 7 11.30 -5.50 23.27
CA ALA A 7 10.83 -5.67 24.65
C ALA A 7 9.31 -5.48 24.75
N GLU A 8 8.82 -4.29 24.44
CA GLU A 8 7.38 -4.08 24.32
C GLU A 8 6.96 -3.79 22.90
N ASP A 9 7.91 -3.73 21.97
CA ASP A 9 7.58 -3.50 20.57
C ASP A 9 6.94 -4.71 19.90
N LYS A 10 6.91 -5.86 20.57
CA LYS A 10 6.16 -7.01 20.05
C LYS A 10 4.68 -6.69 19.94
N ALA A 11 4.14 -5.96 20.91
CA ALA A 11 2.75 -5.54 20.82
C ALA A 11 2.56 -4.47 19.74
N ALA A 12 3.59 -3.66 19.48
CA ALA A 12 3.50 -2.69 18.39
C ALA A 12 3.50 -3.39 17.04
N VAL A 13 4.33 -4.42 16.88
CA VAL A 13 4.32 -5.23 15.66
C VAL A 13 3.00 -5.97 15.53
N GLU A 14 2.40 -6.38 16.66
CA GLU A 14 1.10 -7.05 16.59
C GLU A 14 -0.01 -6.08 16.20
N ARG A 15 0.07 -4.83 16.66
CA ARG A 15 -0.87 -3.80 16.22
C ARG A 15 -0.71 -3.50 14.74
N SER A 16 0.54 -3.38 14.27
CA SER A 16 0.79 -3.14 12.85
C SER A 16 0.32 -4.31 12.00
N LYS A 17 0.45 -5.53 12.52
CA LYS A 17 0.00 -6.71 11.78
C LYS A 17 -1.53 -6.76 11.72
N MET A 18 -2.21 -6.37 12.80
CA MET A 18 -3.67 -6.34 12.80
C MET A 18 -4.20 -5.30 11.83
N ILE A 19 -3.65 -4.09 11.85
CA ILE A 19 -4.15 -3.10 10.92
C ILE A 19 -3.65 -3.35 9.51
N ASP A 20 -2.56 -4.11 9.34
CA ASP A 20 -2.16 -4.54 8.01
C ASP A 20 -3.12 -5.58 7.45
N ARG A 21 -3.63 -6.46 8.31
CA ARG A 21 -4.68 -7.38 7.89
C ARG A 21 -5.96 -6.63 7.55
N ASN A 22 -6.25 -5.55 8.28
CA ASN A 22 -7.39 -4.70 7.94
C ASN A 22 -7.19 -4.01 6.60
N LEU A 23 -5.97 -3.54 6.32
CA LEU A 23 -5.67 -2.95 5.01
C LEU A 23 -5.77 -3.98 3.90
N ARG A 24 -5.39 -5.23 4.18
CA ARG A 24 -5.47 -6.29 3.18
C ARG A 24 -6.92 -6.63 2.85
N GLU A 25 -7.77 -6.74 3.87
CA GLU A 25 -9.17 -7.05 3.59
C GLU A 25 -9.89 -5.86 2.98
N ASP A 26 -9.49 -4.63 3.32
CA ASP A 26 -10.06 -3.47 2.65
C ASP A 26 -9.60 -3.38 1.20
N GLY A 27 -8.37 -3.80 0.91
CA GLY A 27 -7.91 -3.84 -0.46
C GLY A 27 -8.62 -4.89 -1.29
N GLU A 28 -8.91 -6.05 -0.68
CA GLU A 28 -9.70 -7.05 -1.37
C GLU A 28 -11.14 -6.59 -1.58
N LYS A 29 -11.69 -5.84 -0.61
CA LYS A 29 -13.02 -5.27 -0.77
C LYS A 29 -13.06 -4.25 -1.88
N ALA A 30 -12.00 -3.44 -2.02
CA ALA A 30 -11.93 -2.50 -3.13
C ALA A 30 -11.63 -3.18 -4.45
N ALA A 31 -10.95 -4.34 -4.42
CA ALA A 31 -10.61 -5.03 -5.65
C ALA A 31 -11.82 -5.72 -6.27
N ARG A 32 -12.68 -6.34 -5.45
CA ARG A 32 -13.87 -6.95 -6.04
C ARG A 32 -14.90 -5.92 -6.47
N GLU A 33 -14.84 -4.71 -5.92
CA GLU A 33 -15.62 -3.63 -6.48
C GLU A 33 -14.94 -3.10 -7.75
N VAL A 34 -15.73 -2.44 -8.59
CA VAL A 34 -15.25 -1.97 -9.89
C VAL A 34 -15.74 -0.55 -10.11
N LYS A 35 -14.82 0.36 -10.38
CA LYS A 35 -15.09 1.78 -10.54
C LYS A 35 -15.23 2.13 -12.02
N LEU A 36 -16.09 3.10 -12.30
CA LEU A 36 -16.28 3.60 -13.65
C LEU A 36 -16.27 5.11 -13.64
N LEU A 37 -15.32 5.69 -14.36
CA LEU A 37 -15.32 7.13 -14.58
C LEU A 37 -16.48 7.53 -15.48
N LEU A 38 -17.13 8.65 -15.17
CA LEU A 38 -18.29 9.09 -15.94
C LEU A 38 -18.07 10.54 -16.36
N LEU A 39 -17.67 10.72 -17.62
CA LEU A 39 -17.56 12.06 -18.19
C LEU A 39 -18.90 12.52 -18.74
N GLY A 40 -18.88 13.57 -19.53
CA GLY A 40 -20.07 14.11 -20.14
C GLY A 40 -19.87 15.54 -20.54
N ALA A 41 -20.66 15.98 -21.51
CA ALA A 41 -20.61 17.37 -21.93
C ALA A 41 -21.35 18.25 -20.92
N GLY A 42 -21.22 19.56 -21.10
CA GLY A 42 -21.82 20.50 -20.17
C GLY A 42 -23.32 20.58 -20.26
N GLU A 43 -23.99 20.01 -19.24
CA GLU A 43 -25.46 20.00 -19.10
C GLU A 43 -26.14 19.35 -20.30
N SER A 44 -25.52 18.32 -20.86
CA SER A 44 -26.03 17.73 -22.08
C SER A 44 -26.93 16.53 -21.83
N GLY A 45 -26.37 15.46 -21.29
CA GLY A 45 -27.15 14.25 -21.12
C GLY A 45 -26.84 13.40 -19.90
N LYS A 46 -25.89 13.83 -19.07
CA LYS A 46 -25.46 12.99 -17.95
C LYS A 46 -26.47 12.94 -16.82
N SER A 47 -27.48 13.80 -16.83
CA SER A 47 -28.53 13.75 -15.81
C SER A 47 -29.47 12.57 -16.01
N THR A 48 -29.53 12.01 -17.22
CA THR A 48 -30.38 10.85 -17.46
C THR A 48 -29.70 9.56 -17.02
N ILE A 49 -28.42 9.39 -17.37
CA ILE A 49 -27.72 8.12 -17.15
C ILE A 49 -27.11 8.06 -15.75
N VAL A 50 -27.46 9.01 -14.89
CA VAL A 50 -27.33 8.80 -13.45
C VAL A 50 -28.65 8.39 -12.82
N LYS A 51 -29.74 8.43 -13.58
CA LYS A 51 -31.05 8.04 -13.11
C LYS A 51 -31.52 6.72 -13.70
N GLN A 52 -30.96 6.32 -14.85
CA GLN A 52 -31.33 5.05 -15.48
C GLN A 52 -30.87 3.86 -14.66
N MET A 53 -29.80 4.00 -13.89
CA MET A 53 -29.29 2.93 -13.05
C MET A 53 -30.09 2.86 -11.75
N LYS A 54 -29.67 1.95 -10.86
CA LYS A 54 -30.32 1.82 -9.56
C LYS A 54 -30.00 3.00 -8.66
N ILE A 55 -28.73 3.45 -8.68
CA ILE A 55 -28.20 4.56 -7.87
C ILE A 55 -28.44 4.38 -6.37
N THR A 182 -18.92 20.14 -3.69
CA THR A 182 -17.80 19.21 -3.84
C THR A 182 -17.54 18.88 -5.30
N GLY A 183 -16.29 18.55 -5.62
CA GLY A 183 -15.93 18.22 -6.98
C GLY A 183 -16.47 16.88 -7.45
N ILE A 184 -15.94 15.79 -6.94
CA ILE A 184 -16.44 14.47 -7.31
C ILE A 184 -17.58 14.12 -6.38
N VAL A 185 -18.54 13.39 -6.91
CA VAL A 185 -19.59 12.77 -6.10
C VAL A 185 -19.79 11.36 -6.61
N GLU A 186 -19.75 10.40 -5.69
CA GLU A 186 -19.83 9.01 -6.09
C GLU A 186 -21.28 8.60 -6.34
N THR A 187 -21.46 7.58 -7.17
CA THR A 187 -22.74 6.92 -7.35
C THR A 187 -22.45 5.44 -7.17
N HIS A 188 -22.62 4.96 -5.95
CA HIS A 188 -22.32 3.57 -5.60
C HIS A 188 -23.59 2.76 -5.72
N PHE A 189 -23.69 1.93 -6.76
CA PHE A 189 -24.85 1.06 -6.86
C PHE A 189 -24.42 -0.36 -7.17
N THR A 190 -25.37 -1.25 -7.44
CA THR A 190 -25.03 -2.62 -7.76
C THR A 190 -26.01 -3.16 -8.78
N PHE A 191 -25.55 -4.15 -9.54
CA PHE A 191 -26.40 -4.84 -10.52
C PHE A 191 -25.79 -6.21 -10.78
N LYS A 192 -26.55 -7.26 -10.44
CA LYS A 192 -26.21 -8.67 -10.67
C LYS A 192 -24.87 -9.01 -10.01
N ASP A 193 -24.88 -8.89 -8.68
CA ASP A 193 -23.78 -9.29 -7.78
C ASP A 193 -22.47 -8.58 -8.09
N LEU A 194 -22.54 -7.32 -8.51
CA LEU A 194 -21.33 -6.57 -8.85
C LEU A 194 -21.54 -5.11 -8.51
N HIS A 195 -20.59 -4.55 -7.76
CA HIS A 195 -20.71 -3.21 -7.19
C HIS A 195 -20.06 -2.18 -8.11
N PHE A 196 -20.87 -1.29 -8.66
CA PHE A 196 -20.40 -0.24 -9.54
C PHE A 196 -20.25 1.07 -8.78
N LYS A 197 -19.25 1.86 -9.18
CA LYS A 197 -18.97 3.17 -8.60
C LYS A 197 -18.81 4.18 -9.73
N MET A 198 -19.87 4.93 -10.02
CA MET A 198 -19.78 5.99 -11.02
C MET A 198 -19.19 7.25 -10.41
N PHE A 199 -18.48 8.01 -11.23
CA PHE A 199 -17.87 9.27 -10.83
C PHE A 199 -18.22 10.33 -11.88
N ASP A 200 -19.31 11.06 -11.67
CA ASP A 200 -19.68 12.15 -12.57
C ASP A 200 -18.91 13.40 -12.15
N VAL A 201 -17.69 13.52 -12.67
CA VAL A 201 -16.75 14.51 -12.17
C VAL A 201 -17.01 15.88 -12.80
N GLY A 202 -17.57 15.91 -14.01
CA GLY A 202 -17.58 17.06 -14.90
C GLY A 202 -18.15 18.38 -14.44
N GLY A 203 -18.68 18.45 -13.23
CA GLY A 203 -19.06 19.70 -12.62
C GLY A 203 -17.94 20.45 -11.93
N GLN A 204 -16.70 19.98 -12.10
CA GLN A 204 -15.53 20.60 -11.48
C GLN A 204 -14.71 21.29 -12.56
N ARG A 205 -14.57 22.60 -12.44
CA ARG A 205 -13.90 23.42 -13.45
C ARG A 205 -12.49 23.74 -12.97
N SER A 206 -11.52 23.03 -13.52
CA SER A 206 -10.10 23.29 -13.27
C SER A 206 -9.32 22.75 -14.46
N GLU A 207 -7.99 22.71 -14.33
CA GLU A 207 -7.16 22.10 -15.36
C GLU A 207 -7.31 20.59 -15.27
N ARG A 208 -7.93 20.00 -16.30
CA ARG A 208 -8.28 18.58 -16.26
C ARG A 208 -7.04 17.70 -16.32
N LYS A 209 -5.97 18.18 -16.95
CA LYS A 209 -4.77 17.37 -17.13
C LYS A 209 -4.03 17.11 -15.82
N LYS A 210 -4.18 17.98 -14.82
CA LYS A 210 -3.41 17.88 -13.60
C LYS A 210 -4.10 17.06 -12.51
N TRP A 211 -5.24 16.45 -12.81
CA TRP A 211 -5.83 15.48 -11.90
C TRP A 211 -6.39 14.23 -12.57
N ILE A 212 -6.34 14.14 -13.91
CA ILE A 212 -6.91 12.98 -14.58
C ILE A 212 -6.05 11.74 -14.38
N HIS A 213 -4.77 11.92 -14.02
CA HIS A 213 -3.87 10.82 -13.75
C HIS A 213 -4.25 10.02 -12.50
N CYS A 214 -5.13 10.55 -11.65
CA CYS A 214 -5.66 9.76 -10.56
C CYS A 214 -6.65 8.71 -11.02
N PHE A 215 -7.12 8.77 -12.26
CA PHE A 215 -8.15 7.86 -12.73
C PHE A 215 -7.61 6.78 -13.65
N GLU A 216 -6.30 6.58 -13.72
CA GLU A 216 -5.78 5.41 -14.40
C GLU A 216 -6.08 4.17 -13.58
N GLY A 217 -6.15 3.03 -14.26
CA GLY A 217 -6.59 1.81 -13.64
C GLY A 217 -8.08 1.68 -13.47
N VAL A 218 -8.86 2.65 -13.95
CA VAL A 218 -10.31 2.53 -13.93
C VAL A 218 -10.71 1.51 -14.99
N THR A 219 -11.85 0.85 -14.78
CA THR A 219 -12.24 -0.24 -15.67
C THR A 219 -12.88 0.27 -16.94
N ALA A 220 -13.88 1.12 -16.82
CA ALA A 220 -14.57 1.67 -17.98
C ALA A 220 -14.77 3.17 -17.77
N ILE A 221 -14.92 3.89 -18.88
CA ILE A 221 -15.13 5.33 -18.85
C ILE A 221 -16.38 5.61 -19.65
N ILE A 222 -17.51 5.80 -18.96
CA ILE A 222 -18.76 6.13 -19.64
C ILE A 222 -18.70 7.59 -20.07
N PHE A 223 -18.74 7.81 -21.38
CA PHE A 223 -18.59 9.14 -21.95
C PHE A 223 -19.95 9.54 -22.52
N CYS A 224 -20.79 10.13 -21.68
CA CYS A 224 -22.14 10.44 -22.09
C CYS A 224 -22.16 11.66 -23.01
N VAL A 225 -22.83 11.51 -24.15
CA VAL A 225 -22.96 12.56 -25.16
C VAL A 225 -24.43 12.74 -25.47
N ALA A 226 -24.91 13.98 -25.51
CA ALA A 226 -26.24 14.22 -26.04
C ALA A 226 -26.21 14.06 -27.55
N LEU A 227 -27.10 13.21 -28.08
CA LEU A 227 -27.12 12.96 -29.51
C LEU A 227 -27.85 14.06 -30.24
N SER A 228 -28.85 14.66 -29.61
CA SER A 228 -29.66 15.68 -30.24
C SER A 228 -29.13 17.09 -30.01
N ASP A 229 -27.96 17.24 -29.41
CA ASP A 229 -27.33 18.53 -29.22
C ASP A 229 -26.45 18.93 -30.41
N TYR A 230 -26.63 18.27 -31.55
CA TYR A 230 -25.79 18.45 -32.73
C TYR A 230 -25.97 19.81 -33.40
N ASP A 231 -27.08 20.51 -33.16
CA ASP A 231 -27.34 21.75 -33.87
C ASP A 231 -27.06 23.01 -33.05
N LEU A 232 -26.88 22.88 -31.74
CA LEU A 232 -26.70 24.06 -30.90
C LEU A 232 -25.31 24.65 -31.09
N VAL A 233 -25.20 25.95 -30.83
CA VAL A 233 -23.95 26.66 -31.02
C VAL A 233 -22.98 26.36 -29.87
N ASN A 241 -21.75 22.44 -33.89
CA ASN A 241 -20.83 23.15 -33.02
C ASN A 241 -20.67 22.41 -31.69
N ARG A 242 -21.78 22.24 -30.96
CA ARG A 242 -21.75 21.54 -29.68
C ARG A 242 -21.39 20.08 -29.85
N MET A 243 -21.80 19.48 -30.96
CA MET A 243 -21.35 18.14 -31.29
C MET A 243 -19.84 18.11 -31.53
N HIS A 244 -19.29 19.17 -32.14
CA HIS A 244 -17.84 19.25 -32.30
C HIS A 244 -17.13 19.52 -30.98
N GLU A 245 -17.81 20.17 -30.03
CA GLU A 245 -17.23 20.30 -28.69
C GLU A 245 -17.15 18.94 -28.00
N SER A 246 -18.19 18.12 -28.17
CA SER A 246 -18.11 16.78 -27.61
C SER A 246 -17.11 15.91 -28.36
N MET A 247 -16.92 16.16 -29.67
CA MET A 247 -15.86 15.50 -30.41
C MET A 247 -14.48 15.88 -29.89
N LYS A 248 -14.30 17.16 -29.55
CA LYS A 248 -13.02 17.61 -29.02
C LYS A 248 -12.75 17.02 -27.64
N LEU A 249 -13.79 16.93 -26.80
CA LEU A 249 -13.61 16.31 -25.49
C LEU A 249 -13.36 14.80 -25.62
N PHE A 250 -14.00 14.16 -26.59
CA PHE A 250 -13.81 12.73 -26.81
C PHE A 250 -12.44 12.44 -27.41
N ASP A 251 -11.94 13.33 -28.26
CA ASP A 251 -10.59 13.20 -28.79
C ASP A 251 -9.55 13.47 -27.70
N SER A 252 -9.88 14.34 -26.75
CA SER A 252 -9.00 14.59 -25.63
C SER A 252 -8.91 13.38 -24.71
N ILE A 253 -10.06 12.78 -24.38
CA ILE A 253 -10.04 11.69 -23.42
C ILE A 253 -9.65 10.36 -24.08
N CYS A 254 -9.90 10.22 -25.38
CA CYS A 254 -9.65 8.93 -26.03
C CYS A 254 -8.19 8.74 -26.38
N ASN A 255 -7.53 9.82 -26.80
CA ASN A 255 -6.10 9.79 -27.10
C ASN A 255 -5.27 10.26 -25.91
N ASN A 256 -5.88 10.33 -24.72
CA ASN A 256 -5.15 10.72 -23.53
C ASN A 256 -4.15 9.64 -23.15
N LYS A 257 -2.98 10.06 -22.65
CA LYS A 257 -1.89 9.13 -22.41
C LYS A 257 -2.16 8.21 -21.22
N TRP A 258 -3.03 8.60 -20.30
CA TRP A 258 -3.31 7.76 -19.15
C TRP A 258 -4.39 6.72 -19.43
N PHE A 259 -5.13 6.86 -20.52
CA PHE A 259 -6.30 6.05 -20.81
C PHE A 259 -6.14 5.27 -22.11
N THR A 260 -4.89 4.94 -22.48
CA THR A 260 -4.65 4.29 -23.76
C THR A 260 -5.06 2.83 -23.77
N ASP A 261 -5.37 2.24 -22.62
CA ASP A 261 -5.82 0.86 -22.53
C ASP A 261 -7.27 0.74 -22.07
N THR A 262 -7.75 1.68 -21.27
CA THR A 262 -9.08 1.60 -20.71
C THR A 262 -10.13 1.82 -21.78
N SER A 263 -11.08 0.88 -21.89
CA SER A 263 -12.17 0.99 -22.83
C SER A 263 -13.09 2.14 -22.44
N ILE A 264 -13.79 2.69 -23.43
CA ILE A 264 -14.68 3.82 -23.21
C ILE A 264 -16.06 3.48 -23.76
N ILE A 265 -17.06 3.67 -22.94
CA ILE A 265 -18.45 3.50 -23.31
C ILE A 265 -18.99 4.88 -23.65
N LEU A 266 -19.82 4.98 -24.67
CA LEU A 266 -20.49 6.25 -24.93
C LEU A 266 -21.98 6.02 -25.00
N PHE A 267 -22.71 6.76 -24.18
CA PHE A 267 -24.17 6.70 -24.14
C PHE A 267 -24.71 7.89 -24.90
N LEU A 268 -25.03 7.68 -26.17
CA LEU A 268 -25.70 8.70 -26.94
C LEU A 268 -27.14 8.80 -26.47
N ASN A 269 -27.43 9.80 -25.65
CA ASN A 269 -28.75 9.96 -25.06
C ASN A 269 -29.74 10.55 -26.04
N LYS A 270 -30.96 10.78 -25.55
CA LYS A 270 -31.99 11.60 -26.21
C LYS A 270 -32.39 11.05 -27.58
N LYS A 271 -32.65 9.76 -27.62
CA LYS A 271 -33.24 9.16 -28.82
C LYS A 271 -34.65 9.69 -29.07
N ASP A 272 -35.37 10.02 -28.00
CA ASP A 272 -36.76 10.47 -28.09
C ASP A 272 -36.89 11.87 -28.69
N LEU A 273 -35.81 12.62 -28.83
CA LEU A 273 -35.83 13.88 -29.56
C LEU A 273 -35.08 13.82 -30.88
N PHE A 274 -34.09 12.94 -31.00
CA PHE A 274 -33.33 12.86 -32.23
C PHE A 274 -34.11 12.20 -33.36
N GLU A 275 -35.13 11.43 -33.05
CA GLU A 275 -35.93 10.79 -34.09
C GLU A 275 -36.88 11.76 -34.79
N GLU A 276 -37.08 12.96 -34.26
CA GLU A 276 -37.95 13.93 -34.90
C GLU A 276 -37.30 15.28 -35.16
N LYS A 277 -36.07 15.51 -34.71
CA LYS A 277 -35.31 16.67 -35.12
C LYS A 277 -34.38 16.37 -36.29
N ILE A 278 -34.59 15.26 -36.98
CA ILE A 278 -33.93 15.00 -38.25
C ILE A 278 -34.90 15.16 -39.42
N LYS A 279 -36.17 14.80 -39.24
CA LYS A 279 -37.17 14.96 -40.29
C LYS A 279 -37.45 16.42 -40.61
N LYS A 280 -37.35 17.31 -39.62
CA LYS A 280 -37.70 18.71 -39.78
C LYS A 280 -36.49 19.64 -39.90
N SER A 281 -35.50 19.50 -39.02
CA SER A 281 -34.30 20.34 -39.02
C SER A 281 -33.09 19.43 -39.24
N PRO A 282 -32.81 19.04 -40.48
CA PRO A 282 -31.99 17.85 -40.73
C PRO A 282 -30.52 18.02 -40.37
N LEU A 283 -29.84 16.87 -40.38
CA LEU A 283 -28.46 16.72 -39.92
C LEU A 283 -27.45 17.39 -40.84
N THR A 284 -27.87 17.87 -42.00
CA THR A 284 -26.98 18.49 -42.98
C THR A 284 -26.39 19.83 -42.51
N ILE A 285 -26.83 20.35 -41.36
CA ILE A 285 -26.25 21.58 -40.82
C ILE A 285 -24.84 21.32 -40.30
N CYS A 286 -24.70 20.35 -39.39
CA CYS A 286 -23.43 20.16 -38.69
C CYS A 286 -22.61 19.01 -39.25
N TYR A 287 -22.90 18.56 -40.47
CA TYR A 287 -22.03 17.62 -41.19
C TYR A 287 -22.05 17.98 -42.66
N PRO A 288 -21.08 18.77 -43.13
CA PRO A 288 -21.04 19.13 -44.55
C PRO A 288 -20.67 17.97 -45.46
N GLU A 289 -19.96 16.97 -44.95
CA GLU A 289 -19.59 15.79 -45.72
C GLU A 289 -20.65 14.70 -45.70
N TYR A 290 -21.87 15.03 -45.25
CA TYR A 290 -22.96 14.06 -45.19
C TYR A 290 -23.90 14.27 -46.37
N ALA A 291 -24.49 13.17 -46.84
CA ALA A 291 -25.47 13.23 -47.91
C ALA A 291 -26.35 11.99 -47.82
N GLY A 292 -27.63 12.15 -48.15
CA GLY A 292 -28.53 11.03 -48.29
C GLY A 292 -29.56 10.84 -47.19
N SER A 293 -29.33 9.87 -46.33
CA SER A 293 -30.32 9.39 -45.38
C SER A 293 -30.58 10.36 -44.24
N ASN A 294 -31.59 11.21 -44.40
CA ASN A 294 -32.03 12.09 -43.32
C ASN A 294 -33.18 11.48 -42.52
N THR A 295 -32.99 10.23 -42.06
CA THR A 295 -33.91 9.56 -41.16
C THR A 295 -33.13 9.05 -39.97
N TYR A 296 -33.84 8.52 -38.98
CA TYR A 296 -33.15 8.03 -37.78
C TYR A 296 -32.36 6.77 -38.04
N GLU A 297 -32.80 5.95 -39.01
CA GLU A 297 -32.25 4.60 -39.22
C GLU A 297 -30.79 4.58 -39.66
N GLU A 298 -30.22 5.72 -40.01
CA GLU A 298 -28.80 5.82 -40.31
C GLU A 298 -28.13 7.01 -39.64
N ALA A 299 -28.87 8.00 -39.14
CA ALA A 299 -28.24 9.21 -38.61
C ALA A 299 -27.52 8.95 -37.30
N ALA A 300 -28.18 8.26 -36.37
CA ALA A 300 -27.51 7.92 -35.12
C ALA A 300 -26.41 6.89 -35.35
N ALA A 301 -26.56 6.03 -36.35
CA ALA A 301 -25.48 5.12 -36.72
C ALA A 301 -24.30 5.88 -37.31
N TYR A 302 -24.57 6.97 -38.02
CA TYR A 302 -23.49 7.77 -38.59
C TYR A 302 -22.76 8.56 -37.51
N ILE A 303 -23.49 9.07 -36.54
CA ILE A 303 -22.84 9.76 -35.42
C ILE A 303 -22.08 8.77 -34.55
N GLN A 304 -22.59 7.54 -34.43
CA GLN A 304 -21.87 6.48 -33.73
C GLN A 304 -20.58 6.12 -34.44
N CYS A 305 -20.62 5.99 -35.78
CA CYS A 305 -19.40 5.72 -36.52
C CYS A 305 -18.44 6.91 -36.49
N GLN A 306 -18.98 8.12 -36.41
CA GLN A 306 -18.17 9.32 -36.36
C GLN A 306 -17.41 9.41 -35.03
N PHE A 307 -18.05 9.00 -33.94
CA PHE A 307 -17.33 8.92 -32.67
C PHE A 307 -16.36 7.75 -32.65
N GLU A 308 -16.77 6.60 -33.20
CA GLU A 308 -15.94 5.41 -33.16
C GLU A 308 -14.71 5.53 -34.05
N ASP A 309 -14.73 6.45 -35.02
CA ASP A 309 -13.59 6.67 -35.90
C ASP A 309 -12.60 7.69 -35.31
N LEU A 310 -12.59 7.88 -33.99
CA LEU A 310 -11.68 8.83 -33.37
C LEU A 310 -10.57 8.18 -32.56
N ASN A 311 -10.63 6.87 -32.30
CA ASN A 311 -9.51 6.23 -31.62
C ASN A 311 -8.38 5.95 -32.61
N LYS A 312 -7.17 6.37 -32.24
CA LYS A 312 -6.00 6.08 -33.05
C LYS A 312 -5.39 4.74 -32.72
N ARG A 313 -5.88 4.07 -31.68
CA ARG A 313 -5.38 2.78 -31.23
C ARG A 313 -6.59 1.86 -31.08
N LYS A 314 -6.97 1.22 -32.19
CA LYS A 314 -8.19 0.43 -32.22
C LYS A 314 -7.98 -1.00 -31.72
N ASP A 315 -6.76 -1.49 -31.76
CA ASP A 315 -6.48 -2.88 -31.39
C ASP A 315 -6.30 -3.07 -29.89
N THR A 316 -6.40 -2.01 -29.10
CA THR A 316 -6.16 -2.09 -27.66
C THR A 316 -7.40 -1.76 -26.85
N LYS A 317 -8.11 -0.70 -27.19
CA LYS A 317 -9.30 -0.28 -26.46
C LYS A 317 -10.53 -0.44 -27.35
N GLU A 318 -11.65 -0.76 -26.72
CA GLU A 318 -12.92 -0.87 -27.40
C GLU A 318 -13.80 0.32 -27.05
N ILE A 319 -14.67 0.69 -27.98
CA ILE A 319 -15.58 1.81 -27.78
C ILE A 319 -16.98 1.24 -27.88
N TYR A 320 -17.67 1.15 -26.76
CA TYR A 320 -19.00 0.57 -26.76
C TYR A 320 -20.05 1.66 -26.93
N THR A 321 -21.24 1.26 -27.39
CA THR A 321 -22.31 2.21 -27.63
C THR A 321 -23.65 1.56 -27.35
N HIS A 322 -24.46 2.21 -26.51
CA HIS A 322 -25.87 1.86 -26.36
C HIS A 322 -26.68 3.14 -26.37
N PHE A 323 -27.79 3.12 -27.09
CA PHE A 323 -28.68 4.29 -27.18
C PHE A 323 -29.63 4.21 -26.01
N THR A 324 -29.42 5.05 -25.00
CA THR A 324 -30.30 5.05 -23.85
C THR A 324 -31.62 5.72 -24.22
N CYS A 325 -32.63 5.48 -23.39
CA CYS A 325 -33.93 6.09 -23.56
C CYS A 325 -34.63 6.09 -22.20
N ALA A 326 -35.75 6.83 -22.13
CA ALA A 326 -36.51 6.88 -20.89
C ALA A 326 -37.21 5.56 -20.61
N THR A 327 -37.57 4.82 -21.65
CA THR A 327 -38.18 3.51 -21.50
C THR A 327 -37.14 2.42 -21.75
N ASP A 328 -37.51 1.19 -21.34
CA ASP A 328 -36.69 -0.02 -21.47
C ASP A 328 -35.35 0.15 -20.77
N THR A 329 -35.43 0.26 -19.44
CA THR A 329 -34.27 0.58 -18.63
C THR A 329 -33.29 -0.58 -18.54
N LYS A 330 -32.58 -0.85 -19.64
CA LYS A 330 -31.56 -1.89 -19.71
C LYS A 330 -30.19 -1.31 -20.01
N ASN A 331 -29.99 -0.02 -19.70
CA ASN A 331 -28.68 0.59 -19.89
C ASN A 331 -27.67 0.01 -18.92
N VAL A 332 -28.11 -0.30 -17.70
CA VAL A 332 -27.24 -0.93 -16.73
C VAL A 332 -26.89 -2.35 -17.15
N GLN A 333 -27.72 -2.99 -17.97
CA GLN A 333 -27.34 -4.27 -18.55
C GLN A 333 -26.20 -4.10 -19.53
N PHE A 334 -26.17 -2.98 -20.26
CA PHE A 334 -25.08 -2.74 -21.19
C PHE A 334 -23.80 -2.36 -20.45
N VAL A 335 -23.95 -1.62 -19.34
CA VAL A 335 -22.81 -1.32 -18.46
C VAL A 335 -22.23 -2.62 -17.93
N PHE A 336 -23.09 -3.52 -17.47
CA PHE A 336 -22.66 -4.80 -16.93
C PHE A 336 -21.98 -5.66 -18.00
N ASP A 337 -22.48 -5.60 -19.23
CA ASP A 337 -21.91 -6.36 -20.33
C ASP A 337 -20.51 -5.86 -20.67
N ALA A 338 -20.35 -4.53 -20.77
CA ALA A 338 -19.05 -3.98 -21.13
C ALA A 338 -18.04 -4.14 -19.99
N VAL A 339 -18.49 -4.00 -18.74
CA VAL A 339 -17.59 -4.18 -17.61
C VAL A 339 -17.19 -5.65 -17.48
N THR A 340 -18.11 -6.57 -17.79
CA THR A 340 -17.76 -7.99 -17.82
C THR A 340 -16.74 -8.28 -18.92
N ASP A 341 -16.92 -7.65 -20.09
CA ASP A 341 -16.01 -7.85 -21.20
C ASP A 341 -14.63 -7.26 -20.92
N VAL A 342 -14.55 -6.24 -20.08
CA VAL A 342 -13.24 -5.70 -19.71
C VAL A 342 -12.62 -6.48 -18.54
N ILE A 343 -13.44 -7.04 -17.64
CA ILE A 343 -12.93 -7.91 -16.59
C ILE A 343 -12.33 -9.19 -17.17
N ILE A 344 -12.91 -9.68 -18.28
CA ILE A 344 -12.31 -10.83 -18.98
C ILE A 344 -10.92 -10.50 -19.49
N LYS A 345 -10.78 -9.33 -20.14
CA LYS A 345 -9.48 -8.93 -20.67
C LYS A 345 -8.49 -8.61 -19.55
N ASN A 346 -8.99 -8.10 -18.42
CA ASN A 346 -8.14 -7.80 -17.28
C ASN A 346 -7.62 -9.08 -16.65
N ASN A 347 -8.48 -10.10 -16.52
CA ASN A 347 -8.03 -11.37 -15.95
C ASN A 347 -7.13 -12.14 -16.91
N LEU A 348 -7.34 -11.99 -18.22
CA LEU A 348 -6.41 -12.58 -19.17
C LEU A 348 -5.06 -11.88 -19.15
N LYS A 349 -5.04 -10.57 -18.90
CA LYS A 349 -3.78 -9.85 -18.79
C LYS A 349 -3.06 -10.21 -17.50
N ASP A 350 -3.80 -10.37 -16.41
CA ASP A 350 -3.18 -10.75 -15.14
C ASP A 350 -2.71 -12.19 -15.14
N CYS A 351 -3.43 -13.07 -15.85
CA CYS A 351 -3.03 -14.47 -15.90
C CYS A 351 -1.86 -14.70 -16.85
N GLY A 352 -1.76 -13.89 -17.90
CA GLY A 352 -0.66 -14.01 -18.84
C GLY A 352 -1.06 -14.45 -20.23
N LEU A 353 -2.33 -14.75 -20.47
CA LEU A 353 -2.76 -15.10 -21.82
C LEU A 353 -2.92 -13.85 -22.67
N PHE A 354 -3.83 -12.96 -22.27
CA PHE A 354 -4.17 -11.69 -22.93
C PHE A 354 -4.56 -11.80 -24.40
N ASP B 9 -7.97 50.26 -21.76
CA ASP B 9 -6.90 49.64 -22.52
C ASP B 9 -5.54 50.23 -22.14
N GLN B 10 -5.54 51.53 -21.84
CA GLN B 10 -4.31 52.18 -21.37
C GLN B 10 -3.90 51.72 -19.99
N LEU B 11 -4.84 51.21 -19.19
CA LEU B 11 -4.51 50.61 -17.91
C LEU B 11 -3.73 49.32 -18.10
N ARG B 12 -4.06 48.55 -19.15
CA ARG B 12 -3.26 47.38 -19.51
C ARG B 12 -1.87 47.79 -19.98
N GLN B 13 -1.78 48.92 -20.69
CA GLN B 13 -0.48 49.43 -21.14
C GLN B 13 0.37 49.86 -19.95
N GLU B 14 -0.25 50.45 -18.93
CA GLU B 14 0.50 50.83 -17.75
C GLU B 14 0.89 49.60 -16.92
N ALA B 15 0.06 48.55 -16.95
CA ALA B 15 0.44 47.29 -16.32
C ALA B 15 1.65 46.66 -17.03
N GLU B 16 1.67 46.72 -18.36
CA GLU B 16 2.82 46.25 -19.11
C GLU B 16 4.05 47.12 -18.85
N GLN B 17 3.85 48.42 -18.62
CA GLN B 17 4.95 49.30 -18.23
C GLN B 17 5.51 48.91 -16.88
N LEU B 18 4.64 48.53 -15.93
CA LEU B 18 5.13 48.08 -14.63
C LEU B 18 5.86 46.74 -14.72
N LYS B 19 5.38 45.84 -15.57
CA LYS B 19 6.09 44.58 -15.80
C LYS B 19 7.44 44.80 -16.46
N ASN B 20 7.52 45.75 -17.40
CA ASN B 20 8.80 46.10 -17.99
C ASN B 20 9.72 46.78 -16.98
N GLN B 21 9.16 47.51 -16.01
CA GLN B 21 9.96 48.14 -14.98
C GLN B 21 10.56 47.11 -14.02
N ILE B 22 9.76 46.14 -13.58
CA ILE B 22 10.29 45.12 -12.68
C ILE B 22 11.15 44.10 -13.41
N ARG B 23 11.10 44.07 -14.74
CA ARG B 23 12.08 43.31 -15.49
C ARG B 23 13.38 44.10 -15.68
N ASP B 24 13.27 45.42 -15.85
CA ASP B 24 14.47 46.24 -16.01
C ASP B 24 15.25 46.35 -14.71
N ALA B 25 14.56 46.31 -13.56
CA ALA B 25 15.26 46.37 -12.27
C ALA B 25 16.04 45.09 -12.00
N ARG B 26 15.45 43.93 -12.31
CA ARG B 26 16.16 42.68 -12.12
C ARG B 26 17.02 42.31 -13.32
N LYS B 27 17.06 43.14 -14.36
CA LYS B 27 17.99 42.94 -15.45
C LYS B 27 19.23 43.82 -15.34
N ALA B 28 19.04 45.11 -15.03
CA ALA B 28 20.16 46.05 -15.00
C ALA B 28 20.88 46.07 -13.66
N CYS B 29 20.12 46.15 -12.55
CA CYS B 29 20.70 46.20 -11.22
C CYS B 29 20.84 44.81 -10.60
N ALA B 30 21.03 43.78 -11.42
CA ALA B 30 21.28 42.44 -10.92
C ALA B 30 22.31 41.80 -11.84
N ASP B 31 23.46 41.44 -11.27
CA ASP B 31 24.70 41.14 -11.99
C ASP B 31 25.22 39.75 -11.60
N ALA B 32 24.33 38.76 -11.74
CA ALA B 32 24.42 37.42 -11.15
C ALA B 32 25.79 36.75 -11.19
N THR B 33 26.31 36.52 -12.41
CA THR B 33 27.64 35.95 -12.67
C THR B 33 27.86 34.64 -11.93
N LEU B 34 26.80 33.84 -11.79
CA LEU B 34 26.83 32.69 -10.91
C LEU B 34 27.39 31.43 -11.61
N SER B 35 28.19 31.63 -12.65
CA SER B 35 29.21 30.68 -13.01
C SER B 35 30.53 30.97 -12.29
N GLN B 36 30.60 32.07 -11.54
CA GLN B 36 31.82 32.46 -10.86
C GLN B 36 31.70 32.45 -9.34
N ILE B 37 30.49 32.38 -8.79
CA ILE B 37 30.31 32.30 -7.34
C ILE B 37 30.07 30.83 -7.02
N THR B 38 30.40 29.95 -7.97
CA THR B 38 30.31 28.52 -7.71
C THR B 38 31.44 27.70 -8.31
N ASN B 39 32.36 28.30 -9.05
CA ASN B 39 33.52 27.54 -9.50
C ASN B 39 34.63 27.50 -8.48
N ASN B 40 34.59 28.40 -7.50
CA ASN B 40 35.56 28.36 -6.41
C ASN B 40 35.25 27.24 -5.44
N ILE B 41 33.97 26.95 -5.23
CA ILE B 41 33.56 25.92 -4.28
C ILE B 41 33.81 24.56 -4.89
N ASP B 42 34.15 23.59 -4.05
CA ASP B 42 34.44 22.24 -4.49
C ASP B 42 33.14 21.45 -4.66
N PRO B 43 33.09 20.52 -5.61
CA PRO B 43 31.91 19.68 -5.77
C PRO B 43 31.85 18.62 -4.68
N VAL B 44 30.77 17.83 -4.70
CA VAL B 44 30.60 16.74 -3.74
C VAL B 44 30.92 15.40 -4.37
N GLY B 45 31.52 15.38 -5.55
CA GLY B 45 31.86 14.15 -6.22
C GLY B 45 30.63 13.41 -6.71
N ARG B 46 30.34 12.27 -6.10
CA ARG B 46 29.12 11.53 -6.40
C ARG B 46 28.64 10.90 -5.10
N ILE B 47 27.42 11.21 -4.71
CA ILE B 47 26.86 10.68 -3.47
C ILE B 47 26.12 9.38 -3.78
N GLN B 48 26.26 8.42 -2.88
CA GLN B 48 25.69 7.10 -3.04
C GLN B 48 24.69 6.88 -1.91
N MET B 49 23.41 6.75 -2.24
CA MET B 49 22.37 6.51 -1.26
C MET B 49 21.58 5.27 -1.64
N ARG B 50 21.24 4.47 -0.64
CA ARG B 50 20.62 3.17 -0.83
C ARG B 50 19.30 3.09 -0.08
N THR B 51 18.42 2.21 -0.55
CA THR B 51 17.13 1.99 0.09
C THR B 51 17.35 1.25 1.41
N ARG B 52 17.25 1.98 2.51
CA ARG B 52 17.38 1.34 3.82
C ARG B 52 16.12 0.55 4.15
N ARG B 53 14.96 1.17 3.96
CA ARG B 53 13.69 0.55 4.32
C ARG B 53 12.67 0.75 3.20
N THR B 54 11.98 -0.31 2.86
CA THR B 54 10.91 -0.28 1.87
C THR B 54 9.60 -0.40 2.64
N LEU B 55 8.96 0.73 2.90
CA LEU B 55 7.69 0.72 3.62
C LEU B 55 6.60 0.19 2.70
N ARG B 56 6.11 -1.00 3.00
CA ARG B 56 5.26 -1.79 2.11
C ARG B 56 3.89 -1.97 2.77
N GLY B 57 2.99 -1.00 2.58
CA GLY B 57 1.70 -1.12 3.21
C GLY B 57 0.47 -0.77 2.39
N HIS B 58 0.65 -0.10 1.26
CA HIS B 58 -0.49 0.35 0.47
C HIS B 58 -0.80 -0.65 -0.63
N LEU B 59 -1.97 -0.45 -1.25
CA LEU B 59 -2.38 -1.26 -2.40
C LEU B 59 -2.76 -0.38 -3.58
N ALA B 60 -2.32 0.88 -3.60
CA ALA B 60 -2.65 1.78 -4.68
C ALA B 60 -1.52 2.80 -4.82
N LYS B 61 -1.66 3.67 -5.82
CA LYS B 61 -0.65 4.68 -6.08
C LYS B 61 -0.78 5.79 -5.06
N ILE B 62 0.35 6.23 -4.50
CA ILE B 62 0.32 7.17 -3.39
C ILE B 62 0.61 8.57 -3.91
N TYR B 63 0.31 9.58 -3.08
CA TYR B 63 0.43 10.96 -3.52
C TYR B 63 1.01 11.91 -2.47
N ALA B 64 1.44 11.42 -1.32
CA ALA B 64 1.77 12.35 -0.26
C ALA B 64 2.92 11.82 0.59
N MET B 65 3.62 12.76 1.22
CA MET B 65 4.73 12.47 2.11
C MET B 65 5.02 13.71 2.92
N HIS B 66 5.04 13.57 4.25
CA HIS B 66 5.48 14.64 5.12
C HIS B 66 5.88 14.02 6.44
N TRP B 67 7.01 14.43 6.99
CA TRP B 67 7.47 13.86 8.24
C TRP B 67 7.26 14.88 9.36
N GLY B 68 7.15 14.37 10.57
CA GLY B 68 7.03 15.23 11.73
C GLY B 68 8.36 15.72 12.21
N THR B 69 8.33 16.47 13.31
CA THR B 69 9.56 16.95 13.92
C THR B 69 10.29 15.84 14.66
N ASP B 70 9.63 14.72 14.93
CA ASP B 70 10.29 13.57 15.53
C ASP B 70 11.19 12.83 14.54
N SER B 71 11.08 13.15 13.25
CA SER B 71 11.80 12.48 12.15
C SER B 71 11.51 10.99 12.08
N ARG B 72 10.37 10.55 12.58
CA ARG B 72 10.02 9.14 12.52
C ARG B 72 8.63 8.89 11.97
N LEU B 73 7.67 9.75 12.29
CA LEU B 73 6.26 9.49 12.00
C LEU B 73 5.89 10.22 10.70
N LEU B 74 6.08 9.54 9.58
CA LEU B 74 5.67 10.09 8.30
C LEU B 74 4.25 9.66 7.97
N VAL B 75 3.56 10.50 7.20
CA VAL B 75 2.19 10.22 6.80
C VAL B 75 2.18 10.01 5.29
N SER B 76 1.28 9.15 4.82
CA SER B 76 1.24 8.78 3.41
C SER B 76 -0.15 8.32 3.03
N ALA B 77 -0.74 8.95 2.03
CA ALA B 77 -2.06 8.58 1.53
C ALA B 77 -1.96 8.09 0.10
N SER B 78 -2.97 7.36 -0.33
CA SER B 78 -2.98 6.76 -1.66
C SER B 78 -4.38 6.89 -2.26
N GLN B 79 -4.60 6.17 -3.36
CA GLN B 79 -5.86 6.28 -4.07
C GLN B 79 -7.00 5.57 -3.34
N ASP B 80 -6.68 4.56 -2.52
CA ASP B 80 -7.70 3.75 -1.89
C ASP B 80 -8.33 4.42 -0.67
N GLY B 81 -7.91 5.62 -0.31
CA GLY B 81 -8.48 6.31 0.82
C GLY B 81 -8.04 5.78 2.16
N LYS B 82 -6.80 5.33 2.26
CA LYS B 82 -6.24 4.77 3.49
C LYS B 82 -4.93 5.49 3.76
N LEU B 83 -4.98 6.66 4.40
CA LEU B 83 -3.72 7.29 4.79
C LEU B 83 -3.23 6.60 6.05
N ILE B 84 -2.00 6.09 5.99
CA ILE B 84 -1.43 5.37 7.12
C ILE B 84 -0.21 6.13 7.59
N ILE B 85 0.02 6.07 8.90
CA ILE B 85 1.13 6.77 9.52
C ILE B 85 2.20 5.74 9.85
N TRP B 86 3.36 5.89 9.25
CA TRP B 86 4.39 4.87 9.33
C TRP B 86 5.28 5.09 10.55
N ASP B 87 6.38 4.35 10.60
CA ASP B 87 7.43 4.53 11.58
C ASP B 87 8.74 4.36 10.85
N SER B 88 9.57 5.40 10.86
CA SER B 88 10.76 5.39 10.01
C SER B 88 11.86 4.47 10.54
N TYR B 89 11.92 4.24 11.84
CA TYR B 89 13.02 3.46 12.38
C TYR B 89 12.71 1.97 12.44
N THR B 90 11.46 1.60 12.68
CA THR B 90 11.13 0.21 13.00
C THR B 90 10.26 -0.45 11.93
N THR B 91 10.00 0.23 10.81
CA THR B 91 9.28 -0.24 9.62
C THR B 91 7.79 -0.50 9.92
N ASN B 92 7.34 -0.31 11.15
CA ASN B 92 6.01 -0.70 11.58
C ASN B 92 4.99 0.34 11.13
N LYS B 93 3.75 0.15 11.55
CA LYS B 93 2.69 1.11 11.31
C LYS B 93 2.05 1.45 12.65
N VAL B 94 1.57 2.68 12.79
CA VAL B 94 0.90 3.08 14.02
C VAL B 94 -0.55 3.46 13.81
N HIS B 95 -0.95 3.90 12.62
CA HIS B 95 -2.34 4.28 12.37
C HIS B 95 -2.67 3.97 10.92
N ALA B 96 -3.88 3.48 10.69
CA ALA B 96 -4.41 3.28 9.34
C ALA B 96 -5.74 3.99 9.31
N ILE B 97 -5.71 5.30 9.04
CA ILE B 97 -6.89 6.13 9.21
C ILE B 97 -7.84 5.95 8.03
N PRO B 98 -9.06 5.50 8.25
CA PRO B 98 -10.04 5.45 7.16
C PRO B 98 -10.59 6.82 6.86
N LEU B 99 -10.90 7.05 5.59
CA LEU B 99 -11.46 8.32 5.17
C LEU B 99 -12.45 8.09 4.04
N ARG B 100 -13.28 9.10 3.80
CA ARG B 100 -14.34 9.00 2.81
C ARG B 100 -13.89 9.50 1.44
N SER B 101 -13.35 10.71 1.38
CA SER B 101 -12.98 11.37 0.13
C SER B 101 -11.71 10.72 -0.42
N SER B 102 -11.89 9.58 -1.07
CA SER B 102 -10.80 8.64 -1.32
C SER B 102 -9.76 9.14 -2.32
N TRP B 103 -10.08 10.16 -3.11
CA TRP B 103 -9.18 10.60 -4.17
C TRP B 103 -8.19 11.64 -3.63
N VAL B 104 -7.33 11.18 -2.73
CA VAL B 104 -6.49 12.08 -1.95
C VAL B 104 -5.32 12.56 -2.79
N MET B 105 -5.10 13.87 -2.80
CA MET B 105 -3.97 14.46 -3.51
C MET B 105 -2.77 14.74 -2.62
N THR B 106 -2.97 14.99 -1.33
CA THR B 106 -1.88 15.48 -0.50
C THR B 106 -2.17 15.21 0.97
N CYS B 107 -1.12 15.34 1.78
CA CYS B 107 -1.22 15.28 3.23
C CYS B 107 -0.21 16.23 3.86
N ALA B 108 -0.24 16.27 5.19
CA ALA B 108 0.70 17.06 5.97
C ALA B 108 0.77 16.43 7.35
N TYR B 109 1.61 17.01 8.21
CA TYR B 109 1.78 16.50 9.55
C TYR B 109 2.06 17.71 10.43
N ALA B 110 1.41 17.78 11.58
CA ALA B 110 1.54 18.96 12.43
C ALA B 110 2.92 18.98 13.09
N PRO B 111 3.53 20.15 13.24
CA PRO B 111 4.84 20.23 13.91
C PRO B 111 4.81 19.83 15.37
N SER B 112 3.65 19.94 16.03
CA SER B 112 3.52 19.40 17.38
C SER B 112 3.45 17.87 17.37
N GLY B 113 3.08 17.28 16.24
CA GLY B 113 2.87 15.85 16.16
C GLY B 113 1.48 15.39 16.53
N ASN B 114 0.53 16.31 16.70
CA ASN B 114 -0.80 15.94 17.13
C ASN B 114 -1.76 15.70 15.98
N TYR B 115 -1.67 16.46 14.91
CA TYR B 115 -2.65 16.40 13.85
C TYR B 115 -2.01 15.93 12.55
N VAL B 116 -2.84 15.42 11.65
CA VAL B 116 -2.46 15.28 10.25
C VAL B 116 -3.50 16.03 9.43
N ALA B 117 -3.07 16.48 8.25
CA ALA B 117 -3.98 17.05 7.29
C ALA B 117 -4.19 16.05 6.17
N CYS B 118 -5.40 15.99 5.67
CA CYS B 118 -5.71 15.25 4.47
C CYS B 118 -6.20 16.24 3.44
N GLY B 119 -6.76 15.72 2.35
CA GLY B 119 -7.36 16.57 1.37
C GLY B 119 -7.35 15.92 0.02
N GLY B 120 -8.49 15.92 -0.63
CA GLY B 120 -8.64 15.11 -1.80
C GLY B 120 -8.90 15.90 -3.06
N LEU B 121 -9.77 15.37 -3.90
CA LEU B 121 -10.13 16.02 -5.16
C LEU B 121 -11.52 16.62 -5.08
N ASP B 122 -12.11 16.63 -3.88
CA ASP B 122 -13.49 17.08 -3.70
C ASP B 122 -13.58 18.15 -2.62
N ASN B 123 -12.62 19.08 -2.60
CA ASN B 123 -12.71 20.36 -1.88
C ASN B 123 -12.81 20.20 -0.37
N ILE B 124 -12.34 19.11 0.17
CA ILE B 124 -12.45 18.85 1.61
C ILE B 124 -11.05 18.63 2.15
N CYS B 125 -10.56 19.60 2.90
CA CYS B 125 -9.32 19.46 3.67
C CYS B 125 -9.72 18.94 5.04
N SER B 126 -9.54 17.63 5.24
CA SER B 126 -9.85 17.01 6.52
C SER B 126 -8.60 17.03 7.39
N ILE B 127 -8.75 17.48 8.63
CA ILE B 127 -7.68 17.42 9.60
C ILE B 127 -8.10 16.46 10.70
N TYR B 128 -7.17 15.61 11.13
CA TYR B 128 -7.48 14.51 12.02
C TYR B 128 -6.79 14.73 13.36
N ASN B 129 -7.27 14.01 14.36
CA ASN B 129 -6.67 14.03 15.68
C ASN B 129 -6.01 12.69 15.94
N LEU B 130 -4.81 12.72 16.49
CA LEU B 130 -4.06 11.48 16.75
C LEU B 130 -3.86 11.25 18.23
N LYS B 131 -3.24 12.20 18.94
CA LYS B 131 -2.97 12.05 20.37
C LYS B 131 -4.23 12.44 21.14
N THR B 132 -5.23 11.59 21.03
CA THR B 132 -6.50 11.76 21.71
C THR B 132 -6.78 10.54 22.58
N ARG B 133 -7.67 10.73 23.53
CA ARG B 133 -8.21 9.62 24.30
C ARG B 133 -9.42 9.10 23.56
N GLU B 134 -10.22 8.26 24.22
CA GLU B 134 -11.46 7.69 23.69
C GLU B 134 -11.22 6.89 22.41
N GLY B 135 -10.11 6.15 22.37
CA GLY B 135 -9.91 5.17 21.34
C GLY B 135 -9.01 5.55 20.19
N ASN B 136 -9.52 5.39 18.98
CA ASN B 136 -8.75 5.58 17.76
C ASN B 136 -8.68 7.05 17.38
N VAL B 137 -8.28 7.33 16.14
CA VAL B 137 -8.23 8.67 15.59
C VAL B 137 -9.65 9.17 15.37
N ARG B 138 -9.79 10.47 15.14
CA ARG B 138 -11.12 11.07 15.05
C ARG B 138 -11.04 12.28 14.12
N VAL B 139 -12.01 12.38 13.21
CA VAL B 139 -12.06 13.50 12.27
C VAL B 139 -12.46 14.74 13.04
N SER B 140 -11.50 15.67 13.21
CA SER B 140 -11.77 16.83 14.06
C SER B 140 -12.62 17.86 13.32
N ARG B 141 -12.13 18.39 12.20
CA ARG B 141 -12.85 19.39 11.43
C ARG B 141 -12.90 19.00 9.96
N GLU B 142 -13.88 19.58 9.27
CA GLU B 142 -14.11 19.36 7.83
C GLU B 142 -13.92 20.70 7.14
N LEU B 143 -12.69 21.06 6.81
CA LEU B 143 -12.42 22.37 6.24
C LEU B 143 -12.84 22.39 4.78
N ALA B 144 -13.74 23.29 4.44
CA ALA B 144 -14.21 23.45 3.07
C ALA B 144 -14.26 24.93 2.74
N GLY B 145 -14.66 25.24 1.51
CA GLY B 145 -14.78 26.61 1.09
C GLY B 145 -14.21 26.88 -0.29
N HIS B 146 -13.70 25.84 -0.93
CA HIS B 146 -13.10 25.98 -2.25
C HIS B 146 -14.05 25.46 -3.32
N THR B 147 -13.55 25.42 -4.56
CA THR B 147 -14.37 25.01 -5.70
C THR B 147 -13.62 23.96 -6.51
N GLY B 148 -12.29 24.03 -6.50
CA GLY B 148 -11.48 23.13 -7.31
C GLY B 148 -11.06 21.87 -6.59
N TYR B 149 -9.78 21.74 -6.29
CA TYR B 149 -9.29 20.57 -5.57
C TYR B 149 -8.09 20.96 -4.74
N LEU B 150 -7.98 20.38 -3.55
CA LEU B 150 -6.82 20.59 -2.71
C LEU B 150 -5.61 19.96 -3.35
N SER B 151 -4.47 20.63 -3.26
CA SER B 151 -3.29 20.14 -3.96
C SER B 151 -2.10 20.00 -3.03
N CYS B 152 -2.00 20.87 -2.03
CA CYS B 152 -0.97 20.76 -1.03
C CYS B 152 -1.45 21.39 0.27
N CYS B 153 -1.34 20.67 1.36
CA CYS B 153 -1.74 21.14 2.67
C CYS B 153 -0.50 21.26 3.55
N ARG B 154 -0.48 22.26 4.42
CA ARG B 154 0.61 22.45 5.37
C ARG B 154 0.04 23.03 6.65
N PHE B 155 0.66 22.70 7.77
CA PHE B 155 0.28 23.28 9.04
C PHE B 155 1.25 24.39 9.44
N LEU B 156 0.69 25.49 9.94
CA LEU B 156 1.50 26.47 10.66
C LEU B 156 1.70 26.04 12.10
N ASP B 157 0.59 25.93 12.83
CA ASP B 157 0.56 25.46 14.22
C ASP B 157 -0.56 24.46 14.33
N ASP B 158 -0.95 24.11 15.56
CA ASP B 158 -2.17 23.33 15.73
C ASP B 158 -3.42 24.16 15.51
N ASN B 159 -3.31 25.48 15.43
CA ASN B 159 -4.44 26.37 15.27
C ASN B 159 -4.69 26.72 13.81
N GLN B 160 -3.64 27.06 13.07
CA GLN B 160 -3.80 27.58 11.72
C GLN B 160 -3.30 26.58 10.69
N ILE B 161 -3.72 26.81 9.44
CA ILE B 161 -3.43 25.91 8.33
C ILE B 161 -3.58 26.67 7.00
N VAL B 162 -2.60 26.51 6.11
CA VAL B 162 -2.66 27.05 4.76
C VAL B 162 -2.75 25.89 3.79
N THR B 163 -3.44 26.13 2.68
CA THR B 163 -3.54 25.13 1.63
C THR B 163 -3.31 25.77 0.27
N SER B 164 -3.60 25.00 -0.77
CA SER B 164 -3.32 25.36 -2.15
C SER B 164 -4.39 24.67 -3.00
N SER B 165 -5.47 25.37 -3.29
CA SER B 165 -6.62 24.71 -3.88
C SER B 165 -6.71 25.03 -5.37
N GLY B 166 -7.20 24.05 -6.13
CA GLY B 166 -7.22 24.13 -7.58
C GLY B 166 -8.09 25.23 -8.17
N ASP B 167 -8.92 25.88 -7.37
CA ASP B 167 -9.66 27.04 -7.85
C ASP B 167 -8.91 28.34 -7.58
N THR B 168 -7.62 28.36 -7.94
CA THR B 168 -6.76 29.53 -8.10
C THR B 168 -6.39 30.18 -6.76
N THR B 169 -6.98 29.72 -5.66
CA THR B 169 -6.80 30.37 -4.38
C THR B 169 -5.94 29.53 -3.45
N CYS B 170 -5.22 30.22 -2.57
CA CYS B 170 -4.64 29.61 -1.39
C CYS B 170 -5.36 30.17 -0.17
N ALA B 171 -5.40 29.40 0.91
CA ALA B 171 -6.23 29.77 2.04
C ALA B 171 -5.48 29.57 3.34
N LEU B 172 -5.77 30.45 4.30
CA LEU B 172 -5.30 30.36 5.67
C LEU B 172 -6.52 30.37 6.58
N TRP B 173 -6.71 29.28 7.33
CA TRP B 173 -7.87 29.11 8.18
C TRP B 173 -7.52 29.30 9.65
N ASP B 174 -8.56 29.25 10.47
CA ASP B 174 -8.47 28.84 11.86
C ASP B 174 -9.24 27.54 12.00
N ILE B 175 -8.63 26.56 12.67
CA ILE B 175 -9.21 25.22 12.71
C ILE B 175 -10.45 25.17 13.59
N GLU B 176 -10.42 25.85 14.75
CA GLU B 176 -11.56 25.84 15.66
C GLU B 176 -12.76 26.62 15.13
N THR B 177 -12.60 27.42 14.09
CA THR B 177 -13.73 28.08 13.43
C THR B 177 -14.02 27.53 12.05
N GLY B 178 -13.01 27.09 11.31
CA GLY B 178 -13.21 26.52 10.00
C GLY B 178 -13.53 27.50 8.90
N GLN B 179 -13.43 28.80 9.16
CA GLN B 179 -13.69 29.82 8.16
C GLN B 179 -12.39 30.35 7.60
N GLN B 180 -12.42 30.76 6.33
CA GLN B 180 -11.23 31.25 5.66
C GLN B 180 -10.85 32.61 6.22
N THR B 181 -9.96 32.63 7.21
CA THR B 181 -9.57 33.89 7.81
C THR B 181 -8.68 34.73 6.92
N THR B 182 -8.01 34.13 5.94
CA THR B 182 -7.29 34.91 4.94
C THR B 182 -7.30 34.16 3.61
N THR B 183 -7.75 34.83 2.57
CA THR B 183 -7.64 34.28 1.23
C THR B 183 -6.36 34.78 0.56
N PHE B 184 -5.99 34.10 -0.52
CA PHE B 184 -4.80 34.46 -1.29
C PHE B 184 -5.16 34.25 -2.76
N THR B 185 -5.47 35.35 -3.45
CA THR B 185 -5.93 35.34 -4.84
C THR B 185 -4.96 36.19 -5.65
N GLY B 186 -4.05 35.55 -6.37
CA GLY B 186 -3.13 36.30 -7.19
C GLY B 186 -2.77 35.67 -8.52
N HIS B 187 -3.35 34.52 -8.81
CA HIS B 187 -2.98 33.72 -9.96
C HIS B 187 -4.09 33.75 -11.01
N THR B 188 -3.81 33.10 -12.15
CA THR B 188 -4.84 32.75 -13.12
C THR B 188 -4.76 31.26 -13.45
N GLY B 189 -4.15 30.46 -12.59
CA GLY B 189 -4.04 29.03 -12.79
C GLY B 189 -4.24 28.29 -11.49
N ASP B 190 -4.05 26.98 -11.54
CA ASP B 190 -4.30 26.13 -10.39
C ASP B 190 -3.02 26.03 -9.57
N VAL B 191 -3.07 26.44 -8.30
CA VAL B 191 -1.88 26.40 -7.47
C VAL B 191 -1.55 24.96 -7.10
N MET B 192 -0.54 24.41 -7.76
CA MET B 192 -0.23 22.99 -7.62
C MET B 192 0.56 22.67 -6.37
N SER B 193 1.43 23.57 -5.90
CA SER B 193 2.23 23.22 -4.74
C SER B 193 2.38 24.41 -3.81
N LEU B 194 2.89 24.11 -2.61
CA LEU B 194 2.82 25.01 -1.48
C LEU B 194 3.95 24.62 -0.53
N SER B 195 4.68 25.62 -0.03
CA SER B 195 5.68 25.30 0.99
C SER B 195 5.89 26.50 1.90
N LEU B 196 6.43 26.19 3.08
CA LEU B 196 6.54 27.14 4.19
C LEU B 196 7.99 27.48 4.48
N ALA B 197 8.15 28.42 5.38
CA ALA B 197 9.40 28.95 5.88
C ALA B 197 9.78 28.28 7.19
N PRO B 198 11.06 28.31 7.58
CA PRO B 198 11.44 27.82 8.91
C PRO B 198 10.83 28.59 10.07
N ASP B 199 10.55 29.88 9.90
CA ASP B 199 9.81 30.63 10.92
C ASP B 199 8.31 30.66 10.65
N THR B 200 7.87 30.09 9.51
CA THR B 200 6.47 30.01 9.09
C THR B 200 5.79 31.37 9.02
N ARG B 201 6.55 32.41 8.71
CA ARG B 201 6.00 33.76 8.61
C ARG B 201 5.44 34.05 7.23
N LEU B 202 6.02 33.44 6.20
CA LEU B 202 5.68 33.77 4.82
C LEU B 202 5.90 32.52 3.98
N PHE B 203 4.95 32.22 3.10
CA PHE B 203 5.01 30.98 2.35
C PHE B 203 5.09 31.26 0.86
N VAL B 204 5.32 30.20 0.08
CA VAL B 204 5.40 30.32 -1.36
C VAL B 204 4.52 29.27 -2.00
N SER B 205 3.91 29.64 -3.13
CA SER B 205 2.93 28.79 -3.80
C SER B 205 3.22 28.77 -5.29
N GLY B 206 3.13 27.59 -5.89
CA GLY B 206 3.39 27.42 -7.30
C GLY B 206 2.19 26.95 -8.09
N ALA B 207 1.92 27.62 -9.20
CA ALA B 207 0.67 27.51 -9.94
C ALA B 207 0.90 27.05 -11.37
N CYS B 208 -0.19 26.98 -12.13
CA CYS B 208 -0.14 26.62 -13.54
C CYS B 208 0.19 27.80 -14.44
N ASP B 209 0.42 28.98 -13.88
CA ASP B 209 0.72 30.18 -14.64
C ASP B 209 2.20 30.33 -14.94
N ALA B 210 2.98 29.26 -14.74
CA ALA B 210 4.44 29.27 -14.79
C ALA B 210 5.03 30.34 -13.87
N SER B 211 4.42 30.47 -12.69
CA SER B 211 4.80 31.52 -11.76
C SER B 211 4.61 31.02 -10.35
N ALA B 212 5.62 31.24 -9.51
CA ALA B 212 5.54 30.95 -8.09
C ALA B 212 5.53 32.27 -7.35
N LYS B 213 4.55 32.48 -6.49
CA LYS B 213 4.47 33.72 -5.74
C LYS B 213 4.84 33.49 -4.29
N LEU B 214 5.33 34.57 -3.67
CA LEU B 214 5.59 34.59 -2.24
C LEU B 214 4.47 35.37 -1.57
N TRP B 215 3.66 34.66 -0.79
CA TRP B 215 2.61 35.27 0.01
C TRP B 215 3.10 35.41 1.44
N ASP B 216 2.46 36.30 2.19
CA ASP B 216 2.72 36.39 3.62
C ASP B 216 1.39 36.33 4.36
N VAL B 217 1.38 35.60 5.49
CA VAL B 217 0.14 35.35 6.22
C VAL B 217 -0.25 36.50 7.14
N ARG B 218 0.58 37.54 7.23
CA ARG B 218 0.22 38.69 8.07
C ARG B 218 -0.89 39.50 7.42
N GLU B 219 -0.64 40.00 6.20
CA GLU B 219 -1.63 40.79 5.49
C GLU B 219 -2.43 39.94 4.50
N GLY B 220 -1.75 39.29 3.56
CA GLY B 220 -2.41 38.47 2.56
C GLY B 220 -2.09 38.86 1.13
N MET B 221 -1.38 39.94 0.89
CA MET B 221 -1.01 40.35 -0.46
C MET B 221 0.30 39.70 -0.86
N CYS B 222 0.35 39.18 -2.08
CA CYS B 222 1.56 38.55 -2.58
C CYS B 222 2.66 39.59 -2.77
N ARG B 223 3.82 39.34 -2.15
CA ARG B 223 4.83 40.36 -2.08
C ARG B 223 5.69 40.38 -3.33
N GLN B 224 6.24 39.24 -3.73
CA GLN B 224 6.97 39.12 -4.97
C GLN B 224 6.38 38.00 -5.82
N THR B 225 6.53 38.16 -7.13
CA THR B 225 6.08 37.20 -8.13
C THR B 225 7.29 36.74 -8.91
N PHE B 226 7.49 35.43 -9.00
CA PHE B 226 8.66 34.86 -9.64
C PHE B 226 8.23 34.04 -10.83
N THR B 227 8.56 34.50 -12.03
CA THR B 227 8.31 33.77 -13.26
C THR B 227 9.63 33.32 -13.86
N GLY B 228 9.54 32.65 -15.01
CA GLY B 228 10.73 32.22 -15.71
C GLY B 228 10.60 30.88 -16.39
N HIS B 229 9.54 30.16 -16.07
CA HIS B 229 9.31 28.84 -16.64
C HIS B 229 8.63 28.95 -18.00
N GLU B 230 8.26 27.81 -18.57
CA GLU B 230 7.44 27.75 -19.76
C GLU B 230 6.16 26.95 -19.56
N SER B 231 6.06 26.17 -18.50
CA SER B 231 4.90 25.31 -18.28
C SER B 231 4.56 25.31 -16.80
N ASP B 232 3.69 24.38 -16.42
CA ASP B 232 3.22 24.27 -15.04
C ASP B 232 4.35 23.84 -14.13
N ILE B 233 4.31 24.33 -12.90
CA ILE B 233 5.27 23.96 -11.87
C ILE B 233 4.55 23.16 -10.80
N ASN B 234 5.19 22.08 -10.36
CA ASN B 234 4.52 21.06 -9.55
C ASN B 234 5.20 20.82 -8.22
N ALA B 235 6.21 21.59 -7.87
CA ALA B 235 6.91 21.37 -6.60
C ALA B 235 7.61 22.66 -6.19
N ILE B 236 7.27 23.16 -5.02
CA ILE B 236 7.94 24.32 -4.43
C ILE B 236 8.46 23.88 -3.07
N CYS B 237 9.67 24.32 -2.73
CA CYS B 237 10.17 24.15 -1.37
C CYS B 237 11.15 25.26 -1.05
N PHE B 238 10.98 25.88 0.12
CA PHE B 238 11.94 26.87 0.60
C PHE B 238 13.29 26.22 0.90
N PHE B 239 14.35 26.97 0.63
CA PHE B 239 15.69 26.61 1.06
C PHE B 239 15.75 26.71 2.58
N PRO B 240 16.59 25.91 3.23
CA PRO B 240 16.68 25.99 4.71
C PRO B 240 17.22 27.30 5.25
N ASN B 241 17.79 28.17 4.42
CA ASN B 241 18.11 29.51 4.85
C ASN B 241 16.89 30.42 4.90
N GLY B 242 15.78 30.00 4.33
CA GLY B 242 14.60 30.85 4.26
C GLY B 242 14.73 32.01 3.32
N ASN B 243 15.65 31.95 2.36
CA ASN B 243 15.90 33.06 1.44
C ASN B 243 15.97 32.59 0.00
N ALA B 244 15.53 31.37 -0.29
CA ALA B 244 15.50 30.86 -1.66
C ALA B 244 14.47 29.76 -1.73
N PHE B 245 13.96 29.51 -2.92
CA PHE B 245 13.08 28.35 -3.07
C PHE B 245 13.26 27.70 -4.43
N ALA B 246 13.15 26.39 -4.44
CA ALA B 246 13.36 25.61 -5.64
C ALA B 246 12.02 25.27 -6.27
N THR B 247 11.90 25.50 -7.57
CA THR B 247 10.69 25.24 -8.31
C THR B 247 10.98 24.14 -9.32
N GLY B 248 10.26 23.04 -9.22
CA GLY B 248 10.26 22.05 -10.27
C GLY B 248 9.09 22.28 -11.19
N SER B 249 9.31 22.01 -12.48
CA SER B 249 8.28 22.23 -13.48
C SER B 249 8.16 21.02 -14.37
N ASP B 250 7.14 21.04 -15.23
CA ASP B 250 7.00 20.03 -16.27
C ASP B 250 7.95 20.24 -17.44
N ASP B 251 8.74 21.30 -17.42
CA ASP B 251 9.77 21.56 -18.42
C ASP B 251 11.11 20.95 -18.06
N ALA B 252 11.11 19.90 -17.20
CA ALA B 252 12.32 19.18 -16.76
C ALA B 252 13.34 20.09 -16.11
N THR B 253 12.86 21.10 -15.40
CA THR B 253 13.70 22.22 -15.00
C THR B 253 13.37 22.61 -13.57
N CYS B 254 14.24 22.24 -12.64
CA CYS B 254 14.03 22.55 -11.22
C CYS B 254 14.86 23.77 -10.82
N ARG B 255 14.45 24.94 -11.32
CA ARG B 255 15.30 26.11 -11.14
C ARG B 255 15.11 26.72 -9.75
N LEU B 256 16.20 27.31 -9.24
CA LEU B 256 16.26 27.89 -7.91
C LEU B 256 16.11 29.40 -8.00
N PHE B 257 15.10 29.92 -7.30
CA PHE B 257 14.75 31.33 -7.22
C PHE B 257 15.25 31.91 -5.92
N ASP B 258 15.63 33.18 -5.96
CA ASP B 258 16.27 33.85 -4.83
C ASP B 258 15.45 35.05 -4.43
N LEU B 259 15.11 35.13 -3.14
CA LEU B 259 14.16 36.14 -2.69
C LEU B 259 14.78 37.53 -2.68
N ARG B 260 15.96 37.66 -2.07
CA ARG B 260 16.59 38.97 -1.97
C ARG B 260 17.11 39.45 -3.32
N ALA B 261 17.54 38.53 -4.18
CA ALA B 261 17.91 38.91 -5.53
C ALA B 261 16.69 39.27 -6.35
N ASP B 262 15.59 38.53 -6.15
CA ASP B 262 14.30 38.70 -6.84
C ASP B 262 14.45 38.53 -8.35
N GLN B 263 15.02 37.39 -8.74
CA GLN B 263 14.80 36.81 -10.07
C GLN B 263 15.16 35.34 -10.00
N GLU B 264 15.06 34.67 -11.15
CA GLU B 264 15.63 33.36 -11.32
C GLU B 264 17.13 33.41 -11.09
N LEU B 265 17.59 32.71 -10.08
CA LEU B 265 19.01 32.71 -9.78
C LEU B 265 19.75 31.68 -10.62
N MET B 266 19.28 30.43 -10.64
CA MET B 266 19.99 29.47 -11.47
C MET B 266 19.02 28.38 -11.91
N THR B 267 19.38 27.69 -12.99
CA THR B 267 18.52 26.68 -13.61
C THR B 267 19.19 25.32 -13.60
N TYR B 268 18.39 24.28 -13.35
CA TYR B 268 18.88 22.91 -13.22
C TYR B 268 18.22 22.07 -14.30
N SER B 269 19.02 21.52 -15.20
CA SER B 269 18.48 20.66 -16.24
C SER B 269 19.59 19.73 -16.72
N HIS B 270 19.22 18.83 -17.61
CA HIS B 270 20.15 17.88 -18.18
C HIS B 270 19.65 17.55 -19.58
N ASP B 271 20.48 16.87 -20.36
CA ASP B 271 20.19 16.69 -21.78
C ASP B 271 19.05 15.68 -21.99
N ASN B 272 19.25 14.45 -21.53
CA ASN B 272 18.32 13.37 -21.85
C ASN B 272 17.11 13.29 -20.93
N ILE B 273 16.79 14.36 -20.20
CA ILE B 273 15.56 14.44 -19.41
C ILE B 273 14.68 15.46 -20.11
N ILE B 274 13.65 14.97 -20.81
CA ILE B 274 12.61 15.79 -21.41
C ILE B 274 11.36 15.57 -20.60
N CYS B 275 11.55 15.22 -19.34
CA CYS B 275 10.54 14.62 -18.50
C CYS B 275 9.89 15.65 -17.57
N GLY B 276 9.12 15.17 -16.61
CA GLY B 276 8.37 16.04 -15.72
C GLY B 276 8.72 15.79 -14.26
N ILE B 277 8.71 16.87 -13.47
CA ILE B 277 8.90 16.78 -12.03
C ILE B 277 7.61 16.29 -11.37
N THR B 278 7.72 15.82 -10.13
CA THR B 278 6.53 15.73 -9.30
C THR B 278 6.83 16.25 -7.89
N SER B 279 8.09 16.19 -7.45
CA SER B 279 8.41 16.64 -6.11
C SER B 279 9.86 17.12 -6.02
N VAL B 280 10.08 18.15 -5.21
CA VAL B 280 11.39 18.75 -4.99
C VAL B 280 11.53 19.05 -3.50
N SER B 281 12.66 18.63 -2.90
CA SER B 281 12.93 18.95 -1.51
C SER B 281 14.44 19.01 -1.28
N PHE B 282 14.84 19.86 -0.35
CA PHE B 282 16.25 20.03 0.00
C PHE B 282 16.68 19.10 1.12
N SER B 283 17.98 19.12 1.43
CA SER B 283 18.50 18.52 2.65
C SER B 283 18.43 19.57 3.76
N LYS B 284 19.06 19.31 4.89
CA LYS B 284 19.07 20.30 5.96
C LYS B 284 20.19 21.33 5.79
N SER B 285 21.04 21.17 4.77
CA SER B 285 22.00 22.20 4.41
C SER B 285 21.79 22.74 3.02
N GLY B 286 21.03 22.06 2.17
CA GLY B 286 20.71 22.59 0.87
C GLY B 286 21.82 22.51 -0.15
N ARG B 287 22.86 21.72 0.09
CA ARG B 287 23.83 21.50 -0.96
C ARG B 287 23.27 20.57 -2.02
N LEU B 288 22.36 19.71 -1.64
CA LEU B 288 21.78 18.77 -2.59
C LEU B 288 20.26 18.91 -2.61
N LEU B 289 19.71 18.80 -3.82
CA LEU B 289 18.30 19.01 -4.10
C LEU B 289 17.72 17.72 -4.64
N LEU B 290 16.67 17.23 -4.01
CA LEU B 290 16.06 15.94 -4.36
C LEU B 290 14.94 16.18 -5.37
N ALA B 291 15.28 16.22 -6.64
CA ALA B 291 14.29 16.43 -7.68
C ALA B 291 13.67 15.09 -8.05
N GLY B 292 12.38 14.93 -7.79
CA GLY B 292 11.74 13.67 -8.13
C GLY B 292 11.09 13.66 -9.50
N TYR B 293 11.80 13.14 -10.50
CA TYR B 293 11.30 13.20 -11.86
C TYR B 293 10.23 12.13 -12.09
N ASP B 294 9.61 12.17 -13.26
CA ASP B 294 8.69 11.12 -13.68
C ASP B 294 9.38 10.07 -14.54
N ASP B 295 10.71 10.02 -14.51
CA ASP B 295 11.50 8.98 -15.17
C ASP B 295 11.68 7.76 -14.30
N PHE B 296 10.71 7.51 -13.41
CA PHE B 296 10.62 6.36 -12.51
C PHE B 296 11.74 6.37 -11.47
N ASN B 297 12.32 7.52 -11.21
CA ASN B 297 13.45 7.65 -10.30
C ASN B 297 13.41 9.04 -9.68
N CYS B 298 14.54 9.45 -9.09
CA CYS B 298 14.72 10.82 -8.66
C CYS B 298 16.21 11.12 -8.69
N ASN B 299 16.55 12.38 -8.95
CA ASN B 299 17.93 12.81 -9.03
C ASN B 299 18.27 13.71 -7.85
N VAL B 300 19.58 13.80 -7.59
CA VAL B 300 20.12 14.57 -6.48
C VAL B 300 21.11 15.55 -7.10
N TRP B 301 20.71 16.81 -7.16
CA TRP B 301 21.51 17.87 -7.76
C TRP B 301 22.41 18.51 -6.73
N ASP B 302 23.65 18.79 -7.12
CA ASP B 302 24.48 19.63 -6.26
C ASP B 302 23.96 21.05 -6.39
N ALA B 303 23.10 21.44 -5.45
CA ALA B 303 22.23 22.61 -5.54
C ALA B 303 22.96 23.91 -5.49
N LEU B 304 24.28 24.01 -5.47
CA LEU B 304 24.94 25.29 -5.69
C LEU B 304 25.97 25.20 -6.80
N LYS B 305 25.86 24.20 -7.68
CA LYS B 305 26.74 24.12 -8.83
C LYS B 305 25.98 23.72 -10.10
N ALA B 306 24.67 23.44 -9.99
CA ALA B 306 23.82 22.94 -11.09
C ALA B 306 24.39 21.66 -11.69
N ASP B 307 24.98 20.83 -10.85
CA ASP B 307 25.57 19.57 -11.28
C ASP B 307 24.86 18.44 -10.58
N ARG B 308 24.80 17.29 -11.24
CA ARG B 308 24.20 16.11 -10.64
C ARG B 308 25.16 15.49 -9.64
N ALA B 309 24.63 15.17 -8.46
CA ALA B 309 25.42 14.46 -7.46
C ALA B 309 25.02 13.01 -7.29
N GLY B 310 23.80 12.63 -7.65
CA GLY B 310 23.39 11.25 -7.47
C GLY B 310 22.12 10.93 -8.23
N VAL B 311 21.92 9.63 -8.45
CA VAL B 311 20.71 9.12 -9.08
C VAL B 311 20.14 8.07 -8.14
N LEU B 312 19.00 8.36 -7.53
CA LEU B 312 18.38 7.45 -6.57
C LEU B 312 17.26 6.65 -7.22
N ALA B 313 17.63 5.85 -8.21
CA ALA B 313 16.68 4.99 -8.90
C ALA B 313 16.42 3.76 -8.05
N GLY B 314 15.23 3.64 -7.50
CA GLY B 314 14.87 2.49 -6.71
C GLY B 314 13.44 2.05 -6.87
N HIS B 315 12.79 2.50 -7.95
CA HIS B 315 11.37 2.26 -8.16
C HIS B 315 11.14 1.63 -9.52
N ASP B 316 9.87 1.44 -9.83
CA ASP B 316 9.43 0.99 -11.15
C ASP B 316 8.41 1.93 -11.78
N ASN B 317 7.80 2.82 -11.00
CA ASN B 317 6.85 3.80 -11.52
C ASN B 317 7.29 5.17 -11.00
N ARG B 318 6.59 6.21 -11.42
CA ARG B 318 7.00 7.57 -11.13
C ARG B 318 6.80 7.93 -9.66
N VAL B 319 7.73 8.70 -9.11
CA VAL B 319 7.57 9.21 -7.76
C VAL B 319 6.53 10.32 -7.75
N SER B 320 5.91 10.51 -6.59
CA SER B 320 4.85 11.49 -6.44
C SER B 320 5.18 12.55 -5.41
N CYS B 321 5.63 12.15 -4.23
CA CYS B 321 6.03 13.12 -3.23
C CYS B 321 7.33 12.65 -2.59
N LEU B 322 8.04 13.59 -1.97
CA LEU B 322 9.39 13.29 -1.53
C LEU B 322 9.67 14.20 -0.32
N GLY B 323 9.65 13.63 0.87
CA GLY B 323 9.86 14.36 2.10
C GLY B 323 11.24 14.10 2.67
N VAL B 324 11.81 15.12 3.30
CA VAL B 324 13.10 15.05 3.99
C VAL B 324 12.84 15.43 5.44
N THR B 325 13.59 14.80 6.35
CA THR B 325 13.40 15.00 7.78
C THR B 325 13.73 16.42 8.20
N ASP B 326 13.34 16.77 9.42
CA ASP B 326 13.73 18.05 9.97
C ASP B 326 15.19 18.05 10.45
N ASP B 327 15.79 16.89 10.65
CA ASP B 327 17.18 16.81 11.09
C ASP B 327 18.09 16.21 10.02
N GLY B 328 17.62 16.08 8.78
CA GLY B 328 18.47 15.73 7.66
C GLY B 328 19.04 14.32 7.66
N MET B 329 18.29 13.34 8.14
CA MET B 329 18.82 11.98 8.21
C MET B 329 18.41 11.11 7.04
N ALA B 330 17.31 11.43 6.36
CA ALA B 330 16.80 10.55 5.31
C ALA B 330 15.95 11.36 4.35
N VAL B 331 15.67 10.77 3.19
CA VAL B 331 14.62 11.23 2.31
C VAL B 331 13.61 10.10 2.19
N ALA B 332 12.46 10.40 1.62
CA ALA B 332 11.41 9.38 1.48
C ALA B 332 10.75 9.55 0.12
N THR B 333 11.26 8.83 -0.87
CA THR B 333 10.67 8.87 -2.19
C THR B 333 9.44 7.96 -2.19
N GLY B 334 8.28 8.53 -2.46
CA GLY B 334 7.08 7.72 -2.54
C GLY B 334 6.57 7.60 -3.95
N SER B 335 6.66 6.42 -4.54
CA SER B 335 6.30 6.23 -5.93
C SER B 335 4.88 5.73 -6.10
N TRP B 336 4.44 5.67 -7.34
CA TRP B 336 3.15 5.07 -7.67
C TRP B 336 3.21 3.56 -7.71
N ASP B 337 4.37 2.96 -7.47
CA ASP B 337 4.52 1.52 -7.34
C ASP B 337 4.17 1.05 -5.93
N SER B 338 3.57 1.93 -5.12
CA SER B 338 3.00 1.71 -3.79
C SER B 338 4.04 1.39 -2.73
N PHE B 339 5.32 1.30 -3.07
CA PHE B 339 6.36 0.87 -2.15
C PHE B 339 7.26 2.09 -1.94
N LEU B 340 6.93 2.91 -0.95
CA LEU B 340 7.70 4.12 -0.73
C LEU B 340 9.01 3.76 -0.03
N LYS B 341 10.12 4.25 -0.56
CA LYS B 341 11.42 3.94 -0.02
C LYS B 341 11.84 4.99 0.99
N ILE B 342 12.85 4.65 1.78
CA ILE B 342 13.56 5.60 2.62
C ILE B 342 15.04 5.44 2.35
N TRP B 343 15.67 6.48 1.86
CA TRP B 343 17.07 6.44 1.46
C TRP B 343 17.94 7.07 2.55
N ASN B 344 19.23 6.82 2.45
CA ASN B 344 20.20 7.42 3.38
C ASN B 344 21.57 7.44 2.74
N ILE C 9 -11.78 46.23 -16.51
CA ILE C 9 -10.83 47.03 -15.75
C ILE C 9 -11.07 46.87 -14.25
N ALA C 10 -11.89 45.90 -13.90
CA ALA C 10 -12.11 45.58 -12.49
C ALA C 10 -11.06 44.64 -11.92
N GLN C 11 -10.48 43.79 -12.77
CA GLN C 11 -9.44 42.86 -12.35
C GLN C 11 -8.04 43.36 -12.69
N ALA C 12 -7.88 44.06 -13.82
CA ALA C 12 -6.56 44.54 -14.22
C ALA C 12 -6.09 45.69 -13.34
N ARG C 13 -7.01 46.45 -12.72
CA ARG C 13 -6.58 47.48 -11.79
C ARG C 13 -6.04 46.88 -10.50
N LYS C 14 -6.56 45.70 -10.11
CA LYS C 14 -5.94 44.96 -9.01
C LYS C 14 -4.54 44.49 -9.38
N LEU C 15 -4.34 44.13 -10.66
CA LEU C 15 -3.01 43.76 -11.13
C LEU C 15 -2.07 44.95 -11.14
N VAL C 16 -2.59 46.14 -11.46
CA VAL C 16 -1.78 47.36 -11.41
C VAL C 16 -1.39 47.71 -9.98
N GLU C 17 -2.34 47.59 -9.05
CA GLU C 17 -2.03 47.84 -7.65
C GLU C 17 -1.03 46.82 -7.11
N GLN C 18 -1.14 45.56 -7.55
CA GLN C 18 -0.21 44.54 -7.09
C GLN C 18 1.18 44.75 -7.68
N LEU C 19 1.28 45.16 -8.95
CA LEU C 19 2.58 45.44 -9.53
C LEU C 19 3.19 46.71 -8.97
N LYS C 20 2.37 47.67 -8.56
CA LYS C 20 2.90 48.85 -7.89
C LYS C 20 3.41 48.50 -6.49
N MET C 21 2.76 47.56 -5.82
CA MET C 21 3.27 47.08 -4.53
C MET C 21 4.51 46.22 -4.71
N GLU C 22 4.63 45.53 -5.84
CA GLU C 22 5.74 44.62 -6.10
C GLU C 22 6.95 45.34 -6.70
N ALA C 23 6.78 46.54 -7.26
CA ALA C 23 7.90 47.20 -7.92
C ALA C 23 8.89 47.78 -6.91
N ASN C 24 8.40 48.28 -5.79
CA ASN C 24 9.27 48.96 -4.82
C ASN C 24 9.73 48.00 -3.72
N ILE C 25 10.35 46.91 -4.13
CA ILE C 25 11.07 46.01 -3.23
C ILE C 25 12.53 46.46 -3.23
N ASP C 26 13.18 46.36 -2.08
CA ASP C 26 14.59 46.70 -1.96
C ASP C 26 15.41 45.69 -2.77
N ARG C 27 15.86 46.11 -3.94
CA ARG C 27 16.69 45.28 -4.79
C ARG C 27 18.11 45.22 -4.25
N ILE C 28 18.58 44.03 -3.94
CA ILE C 28 20.00 43.81 -3.68
C ILE C 28 20.51 42.84 -4.75
N LYS C 29 21.69 43.14 -5.27
CA LYS C 29 22.22 42.37 -6.38
C LYS C 29 22.71 41.02 -5.91
N VAL C 30 22.97 40.13 -6.87
CA VAL C 30 23.04 38.70 -6.57
C VAL C 30 24.37 38.33 -5.92
N SER C 31 25.46 39.02 -6.28
CA SER C 31 26.76 38.74 -5.70
C SER C 31 26.83 39.10 -4.22
N LYS C 32 25.92 39.94 -3.73
CA LYS C 32 25.78 40.22 -2.31
C LYS C 32 24.57 39.53 -1.69
N ALA C 33 23.88 38.68 -2.45
CA ALA C 33 22.77 37.92 -1.91
C ALA C 33 22.73 36.48 -2.42
N ALA C 34 23.77 36.03 -3.11
CA ALA C 34 23.99 34.61 -3.33
C ALA C 34 25.31 34.13 -2.77
N ALA C 35 26.24 35.03 -2.45
CA ALA C 35 27.39 34.65 -1.65
C ALA C 35 26.98 34.25 -0.24
N ASP C 36 25.84 34.78 0.24
CA ASP C 36 25.26 34.30 1.49
C ASP C 36 24.83 32.85 1.38
N LEU C 37 24.39 32.41 0.19
CA LEU C 37 24.01 31.01 0.00
C LEU C 37 25.22 30.09 0.11
N MET C 38 26.31 30.45 -0.57
CA MET C 38 27.53 29.64 -0.51
C MET C 38 28.15 29.68 0.89
N ALA C 39 28.12 30.83 1.55
CA ALA C 39 28.67 30.94 2.90
C ALA C 39 27.82 30.16 3.92
N TYR C 40 26.49 30.23 3.80
CA TYR C 40 25.60 29.41 4.61
C TYR C 40 25.87 27.93 4.42
N CYS C 41 25.85 27.48 3.17
CA CYS C 41 25.91 26.06 2.91
C CYS C 41 27.30 25.49 3.16
N GLU C 42 28.35 26.32 3.12
CA GLU C 42 29.64 25.89 3.62
C GLU C 42 29.63 25.86 5.15
N ALA C 43 28.88 26.75 5.79
CA ALA C 43 28.77 26.75 7.24
C ALA C 43 27.82 25.68 7.78
N HIS C 44 27.19 24.90 6.91
CA HIS C 44 26.40 23.78 7.41
C HIS C 44 26.66 22.48 6.66
N ALA C 45 27.77 22.36 5.94
CA ALA C 45 28.12 21.09 5.30
C ALA C 45 28.56 20.04 6.32
N LYS C 46 29.05 20.47 7.49
CA LYS C 46 29.42 19.51 8.53
C LYS C 46 28.19 18.88 9.15
N GLU C 47 27.15 19.68 9.39
CA GLU C 47 25.90 19.17 9.95
C GLU C 47 24.91 18.79 8.86
N ASP C 48 25.37 17.99 7.90
CA ASP C 48 24.53 17.56 6.78
C ASP C 48 24.75 16.08 6.55
N PRO C 49 23.89 15.22 7.10
CA PRO C 49 24.11 13.78 7.01
C PRO C 49 23.76 13.15 5.66
N LEU C 50 23.54 13.93 4.61
CA LEU C 50 23.45 13.38 3.27
C LEU C 50 24.64 13.73 2.39
N LEU C 51 25.40 14.78 2.74
CA LEU C 51 26.67 15.03 2.05
C LEU C 51 27.74 14.09 2.56
N THR C 52 28.07 14.20 3.84
CA THR C 52 29.04 13.36 4.52
C THR C 52 28.27 12.24 5.21
N PRO C 53 28.29 11.01 4.68
CA PRO C 53 27.37 9.97 5.17
C PRO C 53 27.78 9.47 6.55
N VAL C 54 26.80 9.37 7.43
CA VAL C 54 27.04 8.99 8.82
C VAL C 54 27.26 7.47 8.88
N PRO C 55 28.29 7.00 9.57
CA PRO C 55 28.49 5.55 9.72
C PRO C 55 27.43 4.93 10.62
N ALA C 56 27.45 3.59 10.65
CA ALA C 56 26.41 2.82 11.34
C ALA C 56 26.48 2.92 12.85
N SER C 57 27.57 3.46 13.41
CA SER C 57 27.65 3.66 14.86
C SER C 57 26.72 4.77 15.33
N GLU C 58 26.37 5.71 14.47
CA GLU C 58 25.47 6.80 14.81
C GLU C 58 24.26 6.89 13.90
N ASN C 59 24.20 6.10 12.84
CA ASN C 59 23.03 6.06 11.97
C ASN C 59 21.91 5.32 12.68
N PRO C 60 20.71 5.91 12.80
CA PRO C 60 19.58 5.19 13.39
C PRO C 60 18.90 4.21 12.45
N PHE C 61 19.48 3.89 11.30
CA PHE C 61 18.89 2.91 10.41
C PHE C 61 19.69 1.60 10.44
N VAL D 2 -14.66 8.03 28.75
CA VAL D 2 -14.16 6.68 28.98
C VAL D 2 -14.65 6.13 30.32
N GLN D 3 -15.23 4.94 30.28
CA GLN D 3 -15.70 4.26 31.48
C GLN D 3 -15.25 2.81 31.42
N LEU D 4 -14.79 2.28 32.56
CA LEU D 4 -14.56 0.85 32.75
C LEU D 4 -15.18 0.41 34.06
N VAL D 5 -16.09 -0.56 33.99
CA VAL D 5 -16.87 -1.00 35.14
C VAL D 5 -16.66 -2.49 35.35
N GLU D 6 -15.90 -2.85 36.38
CA GLU D 6 -15.71 -4.25 36.74
C GLU D 6 -16.89 -4.75 37.57
N SER D 7 -17.15 -6.04 37.45
CA SER D 7 -18.16 -6.72 38.23
C SER D 7 -17.77 -8.18 38.35
N GLY D 8 -18.55 -8.93 39.12
CA GLY D 8 -18.25 -10.33 39.32
C GLY D 8 -17.62 -10.64 40.66
N GLY D 9 -17.23 -9.62 41.42
CA GLY D 9 -16.67 -9.83 42.74
C GLY D 9 -17.55 -10.56 43.75
N GLY D 10 -17.03 -10.85 44.93
CA GLY D 10 -17.83 -11.52 45.93
C GLY D 10 -17.03 -12.41 46.85
N LEU D 11 -17.75 -13.16 47.68
CA LEU D 11 -17.15 -14.14 48.57
C LEU D 11 -17.25 -15.51 47.93
N VAL D 12 -16.15 -16.24 47.92
CA VAL D 12 -16.07 -17.56 47.29
C VAL D 12 -15.34 -18.49 48.25
N GLN D 13 -15.72 -19.76 48.25
CA GLN D 13 -15.03 -20.75 49.05
C GLN D 13 -13.73 -21.11 48.34
N PRO D 14 -12.68 -21.53 49.09
CA PRO D 14 -11.45 -21.97 48.40
C PRO D 14 -11.68 -23.14 47.46
N GLY D 15 -10.97 -23.17 46.34
CA GLY D 15 -11.18 -24.22 45.35
C GLY D 15 -12.29 -23.95 44.37
N GLY D 16 -13.13 -22.95 44.61
CA GLY D 16 -14.24 -22.65 43.73
C GLY D 16 -13.84 -21.81 42.54
N SER D 17 -14.84 -21.42 41.76
CA SER D 17 -14.62 -20.66 40.53
C SER D 17 -15.47 -19.41 40.55
N ARG D 18 -15.05 -18.43 39.78
CA ARG D 18 -15.71 -17.13 39.69
C ARG D 18 -15.23 -16.42 38.43
N LYS D 19 -16.18 -15.86 37.68
CA LYS D 19 -15.88 -15.10 36.48
C LYS D 19 -16.09 -13.62 36.75
N LEU D 20 -15.05 -12.82 36.54
CA LEU D 20 -15.19 -11.37 36.56
C LEU D 20 -15.45 -10.87 35.16
N SER D 21 -16.17 -9.76 35.09
CA SER D 21 -16.42 -9.06 33.84
C SER D 21 -15.92 -7.63 34.00
N CYS D 22 -15.52 -7.02 32.90
CA CYS D 22 -15.16 -5.61 32.84
C CYS D 22 -15.85 -5.05 31.60
N SER D 23 -16.75 -4.11 31.83
CA SER D 23 -17.57 -3.55 30.77
C SER D 23 -16.97 -2.21 30.39
N ALA D 24 -16.67 -2.05 29.12
CA ALA D 24 -15.98 -0.86 28.62
C ALA D 24 -17.01 -0.04 27.87
N SER D 25 -16.96 1.27 28.03
CA SER D 25 -17.78 2.17 27.24
C SER D 25 -17.10 3.50 27.06
N GLY D 26 -17.49 4.21 26.00
CA GLY D 26 -16.98 5.52 25.70
C GLY D 26 -15.66 5.55 24.98
N PHE D 27 -15.20 4.39 24.48
CA PHE D 27 -14.00 4.34 23.66
C PHE D 27 -13.94 3.12 22.74
N ALA D 28 -13.00 3.15 21.80
CA ALA D 28 -12.80 2.09 20.82
C ALA D 28 -12.07 0.91 21.46
N PHE D 29 -12.81 0.12 22.26
CA PHE D 29 -12.29 -0.98 23.07
C PHE D 29 -11.39 -1.95 22.32
N SER D 30 -11.81 -2.41 21.13
CA SER D 30 -11.09 -3.46 20.42
C SER D 30 -9.73 -3.02 19.90
N SER D 31 -9.48 -1.71 19.80
CA SER D 31 -8.18 -1.20 19.39
C SER D 31 -7.15 -1.25 20.50
N PHE D 32 -7.57 -1.48 21.73
CA PHE D 32 -6.73 -1.46 22.92
C PHE D 32 -6.39 -2.86 23.40
N GLY D 33 -5.12 -3.05 23.75
CA GLY D 33 -4.73 -4.09 24.69
C GLY D 33 -5.35 -3.91 26.06
N MET D 34 -5.48 -4.99 26.82
CA MET D 34 -6.12 -4.92 28.14
C MET D 34 -5.31 -5.73 29.16
N HIS D 35 -5.24 -5.22 30.38
CA HIS D 35 -4.56 -5.88 31.48
C HIS D 35 -5.49 -6.02 32.68
N TRP D 36 -5.20 -7.02 33.50
CA TRP D 36 -5.69 -7.12 34.88
C TRP D 36 -4.54 -6.88 35.82
N VAL D 37 -4.72 -5.95 36.74
CA VAL D 37 -3.74 -5.70 37.79
C VAL D 37 -4.46 -5.89 39.12
N ARG D 38 -3.81 -6.53 40.08
CA ARG D 38 -4.54 -6.78 41.31
C ARG D 38 -3.81 -6.23 42.51
N GLN D 39 -4.58 -6.01 43.58
CA GLN D 39 -4.04 -5.38 44.77
C GLN D 39 -4.61 -6.10 45.98
N ALA D 40 -3.77 -6.85 46.68
CA ALA D 40 -4.19 -7.51 47.90
C ALA D 40 -4.45 -6.46 48.99
N PRO D 41 -5.31 -6.75 50.00
CA PRO D 41 -5.76 -5.74 50.99
C PRO D 41 -4.74 -4.71 51.50
N GLU D 42 -3.66 -5.12 52.18
CA GLU D 42 -2.71 -4.14 52.66
C GLU D 42 -1.40 -4.16 51.88
N LYS D 43 -1.46 -4.42 50.58
CA LYS D 43 -0.27 -4.73 49.79
C LYS D 43 -0.26 -3.94 48.48
N GLY D 44 0.75 -4.19 47.65
CA GLY D 44 0.91 -3.44 46.43
C GLY D 44 0.22 -4.06 45.23
N LEU D 45 0.60 -3.62 44.04
CA LEU D 45 0.02 -4.07 42.78
C LEU D 45 0.78 -5.27 42.23
N GLU D 46 0.02 -6.18 41.62
CA GLU D 46 0.59 -7.37 40.99
C GLU D 46 -0.14 -7.59 39.66
N TRP D 47 0.62 -7.71 38.58
CA TRP D 47 0.05 -7.90 37.25
C TRP D 47 -0.45 -9.32 37.08
N VAL D 48 -1.61 -9.48 36.41
CA VAL D 48 -2.26 -10.78 36.33
C VAL D 48 -2.30 -11.37 34.92
N ALA D 49 -2.76 -10.60 33.93
CA ALA D 49 -2.94 -11.14 32.59
C ALA D 49 -3.07 -10.01 31.58
N TYR D 50 -2.82 -10.34 30.31
CA TYR D 50 -2.83 -9.36 29.22
C TYR D 50 -3.42 -9.96 27.94
N ILE D 51 -4.26 -9.17 27.24
CA ILE D 51 -4.69 -9.55 25.90
C ILE D 51 -4.46 -8.40 24.94
N SER D 52 -3.69 -8.66 23.88
CA SER D 52 -3.33 -7.67 22.87
C SER D 52 -4.58 -7.35 22.05
N SER D 53 -4.56 -6.24 21.32
CA SER D 53 -5.55 -5.97 20.26
C SER D 53 -5.57 -7.10 19.25
N GLY D 54 -6.75 -7.66 18.99
CA GLY D 54 -6.84 -8.83 18.13
C GLY D 54 -6.72 -10.18 18.79
N SER D 55 -6.43 -10.23 20.10
CA SER D 55 -6.33 -11.46 20.91
C SER D 55 -5.22 -12.41 20.45
N GLY D 56 -4.29 -11.94 19.63
CA GLY D 56 -3.21 -12.78 19.17
C GLY D 56 -2.17 -13.13 20.22
N THR D 57 -2.07 -12.34 21.28
CA THR D 57 -1.01 -12.53 22.28
C THR D 57 -1.62 -12.48 23.67
N ILE D 58 -1.34 -13.50 24.49
CA ILE D 58 -1.84 -13.58 25.86
C ILE D 58 -0.69 -13.98 26.76
N TYR D 59 -0.50 -13.26 27.87
CA TYR D 59 0.49 -13.59 28.89
C TYR D 59 -0.18 -13.64 30.26
N TYR D 60 0.26 -14.55 31.10
CA TYR D 60 -0.20 -14.68 32.47
C TYR D 60 1.00 -14.53 33.42
N ALA D 61 0.74 -14.02 34.62
CA ALA D 61 1.73 -14.09 35.68
C ALA D 61 1.89 -15.52 36.15
N ASP D 62 3.12 -15.86 36.55
CA ASP D 62 3.46 -17.22 36.97
C ASP D 62 2.52 -17.75 38.07
N THR D 63 2.22 -16.92 39.08
CA THR D 63 1.43 -17.35 40.22
C THR D 63 -0.05 -17.64 39.90
N VAL D 64 -0.50 -17.45 38.66
CA VAL D 64 -1.91 -17.53 38.30
C VAL D 64 -2.12 -18.39 37.06
N LYS D 65 -1.04 -18.63 36.30
CA LYS D 65 -1.09 -19.41 35.07
C LYS D 65 -1.65 -20.80 35.33
N GLY D 66 -2.46 -21.30 34.38
CA GLY D 66 -3.16 -22.54 34.56
C GLY D 66 -4.52 -22.41 35.21
N ARG D 67 -4.66 -21.47 36.14
CA ARG D 67 -5.88 -21.28 36.91
C ARG D 67 -6.78 -20.18 36.38
N PHE D 68 -6.23 -19.07 35.90
CA PHE D 68 -7.05 -17.96 35.43
C PHE D 68 -7.03 -18.01 33.90
N THR D 69 -8.16 -17.67 33.30
CA THR D 69 -8.23 -17.53 31.85
C THR D 69 -8.77 -16.15 31.56
N ILE D 70 -8.06 -15.39 30.77
CA ILE D 70 -8.51 -14.08 30.32
C ILE D 70 -9.10 -14.22 28.92
N SER D 71 -10.21 -13.53 28.65
CA SER D 71 -10.81 -13.57 27.33
C SER D 71 -11.56 -12.27 27.09
N ARG D 72 -11.96 -12.04 25.84
CA ARG D 72 -12.72 -10.84 25.54
C ARG D 72 -13.80 -11.14 24.52
N ASP D 73 -14.92 -10.42 24.65
CA ASP D 73 -16.01 -10.44 23.70
C ASP D 73 -16.05 -9.06 23.05
N ASP D 74 -15.34 -8.91 21.93
CA ASP D 74 -15.17 -7.63 21.23
C ASP D 74 -16.49 -7.05 20.70
N PRO D 75 -17.41 -7.82 20.05
CA PRO D 75 -18.71 -7.21 19.67
C PRO D 75 -19.47 -6.61 20.83
N LYS D 76 -19.41 -7.21 22.02
CA LYS D 76 -20.11 -6.65 23.16
C LYS D 76 -19.22 -5.77 24.01
N ASN D 77 -18.00 -5.47 23.53
CA ASN D 77 -17.04 -4.56 24.17
C ASN D 77 -16.81 -4.92 25.63
N THR D 78 -16.59 -6.21 25.90
CA THR D 78 -16.50 -6.67 27.28
C THR D 78 -15.30 -7.57 27.44
N LEU D 79 -14.59 -7.44 28.56
CA LEU D 79 -13.48 -8.32 28.93
C LEU D 79 -13.88 -9.23 30.08
N PHE D 80 -13.44 -10.49 30.04
CA PHE D 80 -13.75 -11.47 31.07
C PHE D 80 -12.45 -12.02 31.64
N LEU D 81 -12.54 -12.49 32.88
CA LEU D 81 -11.48 -13.28 33.51
C LEU D 81 -12.20 -14.41 34.23
N GLN D 82 -12.19 -15.60 33.66
CA GLN D 82 -12.76 -16.77 34.31
C GLN D 82 -11.68 -17.39 35.18
N MET D 83 -11.88 -17.36 36.49
CA MET D 83 -10.94 -17.89 37.46
C MET D 83 -11.49 -19.18 38.04
N THR D 84 -10.62 -20.13 38.30
CA THR D 84 -11.02 -21.37 38.92
C THR D 84 -9.99 -21.75 39.96
N SER D 85 -10.40 -22.65 40.85
CA SER D 85 -9.62 -23.17 41.98
C SER D 85 -9.02 -22.03 42.82
N LEU D 86 -9.87 -21.08 43.17
CA LEU D 86 -9.46 -19.87 43.86
C LEU D 86 -8.94 -20.19 45.24
N ARG D 87 -7.81 -19.60 45.60
CA ARG D 87 -7.23 -19.77 46.91
C ARG D 87 -7.35 -18.47 47.68
N SER D 88 -7.15 -18.56 49.00
CA SER D 88 -7.11 -17.42 49.91
C SER D 88 -6.12 -16.34 49.49
N GLU D 89 -5.01 -16.71 48.86
CA GLU D 89 -4.01 -15.74 48.42
C GLU D 89 -4.48 -14.90 47.23
N ASP D 90 -5.65 -15.19 46.65
CA ASP D 90 -6.22 -14.43 45.55
C ASP D 90 -7.12 -13.28 46.00
N THR D 91 -7.44 -13.19 47.30
CA THR D 91 -8.26 -12.10 47.82
C THR D 91 -7.60 -10.77 47.53
N ALA D 92 -8.25 -9.95 46.72
CA ALA D 92 -7.70 -8.69 46.27
C ALA D 92 -8.77 -7.86 45.59
N MET D 93 -8.48 -6.58 45.40
CA MET D 93 -9.22 -5.79 44.43
C MET D 93 -8.62 -6.03 43.06
N TYR D 94 -9.47 -6.30 42.08
CA TYR D 94 -9.04 -6.63 40.73
C TYR D 94 -9.36 -5.45 39.83
N TYR D 95 -8.34 -4.88 39.21
CA TYR D 95 -8.49 -3.72 38.32
C TYR D 95 -8.42 -4.17 36.88
N CYS D 96 -9.32 -3.62 36.08
CA CYS D 96 -9.31 -3.70 34.63
C CYS D 96 -8.54 -2.48 34.14
N VAL D 97 -7.61 -2.67 33.21
CA VAL D 97 -6.72 -1.60 32.76
C VAL D 97 -6.62 -1.58 31.24
N ARG D 98 -6.78 -0.41 30.66
CA ARG D 98 -6.66 -0.23 29.23
C ARG D 98 -5.20 0.08 28.89
N SER D 99 -4.78 -0.31 27.68
CA SER D 99 -3.42 -0.06 27.24
C SER D 99 -3.37 -0.09 25.72
N ILE D 100 -2.31 0.51 25.17
CA ILE D 100 -2.04 0.47 23.73
C ILE D 100 -0.55 0.73 23.51
N TYR D 101 0.03 -0.03 22.59
CA TYR D 101 1.47 0.00 22.39
C TYR D 101 1.76 0.40 20.95
N TYR D 102 2.24 1.64 20.76
CA TYR D 102 2.83 2.11 19.51
C TYR D 102 3.71 3.30 19.86
N TYR D 103 4.49 3.75 18.88
CA TYR D 103 5.44 4.84 19.11
C TYR D 103 4.75 6.10 19.61
N GLY D 104 5.11 6.51 20.82
CA GLY D 104 4.57 7.68 21.43
C GLY D 104 3.27 7.47 22.18
N SER D 105 2.74 6.25 22.18
CA SER D 105 1.48 5.97 22.85
C SER D 105 1.67 6.06 24.37
N SER D 106 0.55 6.07 25.10
CA SER D 106 0.62 6.04 26.55
C SER D 106 -0.11 4.82 27.10
N PRO D 107 0.59 3.70 27.28
CA PRO D 107 0.00 2.52 27.91
C PRO D 107 -0.44 2.79 29.34
N PHE D 108 -1.34 1.94 29.85
CA PHE D 108 -1.76 1.91 31.25
C PHE D 108 -2.38 3.24 31.70
N ASP D 109 -3.05 3.92 30.78
CA ASP D 109 -3.52 5.27 31.03
C ASP D 109 -4.96 5.36 31.57
N PHE D 110 -5.64 4.24 31.76
CA PHE D 110 -6.97 4.26 32.36
C PHE D 110 -7.28 2.94 33.05
N TRP D 111 -7.72 3.05 34.30
CA TRP D 111 -8.00 1.91 35.17
C TRP D 111 -9.45 1.94 35.58
N GLY D 112 -10.05 0.76 35.73
CA GLY D 112 -11.42 0.69 36.19
C GLY D 112 -11.54 1.00 37.66
N GLN D 113 -12.77 0.95 38.17
CA GLN D 113 -12.96 1.22 39.58
C GLN D 113 -12.58 0.03 40.44
N GLY D 114 -12.50 -1.16 39.86
CA GLY D 114 -12.07 -2.31 40.62
C GLY D 114 -13.19 -3.10 41.26
N THR D 115 -12.99 -4.39 41.40
CA THR D 115 -13.94 -5.22 42.13
C THR D 115 -13.20 -6.09 43.14
N THR D 116 -13.82 -6.27 44.31
CA THR D 116 -13.13 -6.90 45.44
C THR D 116 -13.60 -8.34 45.35
N LEU D 117 -12.66 -9.28 45.38
CA LEU D 117 -13.01 -10.68 45.39
C LEU D 117 -12.45 -11.35 46.64
N THR D 118 -13.23 -11.29 47.73
CA THR D 118 -12.79 -11.89 48.97
C THR D 118 -12.90 -13.39 48.89
N VAL D 119 -11.79 -14.09 49.15
CA VAL D 119 -11.81 -15.55 49.13
C VAL D 119 -11.70 -16.04 50.56
N SER D 120 -12.57 -16.97 50.94
CA SER D 120 -12.72 -17.43 52.30
C SER D 120 -11.50 -18.23 52.75
N SER D 121 -11.52 -18.65 54.01
CA SER D 121 -10.46 -19.49 54.54
C SER D 121 -11.03 -20.64 55.36
N SER D 136 13.34 -15.42 38.48
CA SER D 136 13.30 -15.01 37.08
C SER D 136 12.78 -13.58 36.96
N ASP D 137 11.80 -13.25 37.80
CA ASP D 137 11.11 -11.98 37.76
C ASP D 137 12.04 -10.83 38.11
N ILE D 138 11.78 -9.66 37.51
CA ILE D 138 12.54 -8.45 37.79
C ILE D 138 12.03 -7.95 39.13
N VAL D 139 12.95 -7.66 40.05
CA VAL D 139 12.57 -7.14 41.36
C VAL D 139 12.65 -5.62 41.31
N MET D 140 11.55 -4.94 41.63
CA MET D 140 11.54 -3.50 41.71
C MET D 140 11.54 -3.08 43.18
N THR D 141 12.74 -2.92 43.73
CA THR D 141 12.87 -2.68 45.16
C THR D 141 12.53 -1.22 45.46
N GLN D 142 11.56 -1.01 46.33
CA GLN D 142 11.32 0.30 46.92
C GLN D 142 11.61 0.25 48.42
N ALA D 143 12.84 0.61 48.80
CA ALA D 143 13.30 0.44 50.17
C ALA D 143 12.60 1.36 51.16
N THR D 144 11.97 2.43 50.67
CA THR D 144 11.28 3.34 51.58
C THR D 144 9.77 3.17 51.46
N SER D 145 9.12 2.77 52.55
CA SER D 145 7.72 2.40 52.48
C SER D 145 6.78 3.57 52.69
N SER D 146 7.21 4.62 53.40
CA SER D 146 6.38 5.80 53.62
C SER D 146 7.25 7.02 53.88
N VAL D 147 6.72 8.18 53.53
CA VAL D 147 7.41 9.47 53.68
C VAL D 147 6.40 10.54 54.07
N PRO D 148 6.63 11.30 55.13
CA PRO D 148 5.75 12.43 55.45
C PRO D 148 6.15 13.67 54.67
N VAL D 149 5.14 14.40 54.19
CA VAL D 149 5.35 15.56 53.33
C VAL D 149 4.45 16.69 53.76
N THR D 150 5.03 17.85 54.02
CA THR D 150 4.26 19.05 54.32
C THR D 150 3.97 19.78 53.01
N PRO D 151 2.75 20.39 52.82
CA PRO D 151 2.40 21.02 51.53
C PRO D 151 3.36 22.11 51.04
N GLY D 152 3.40 22.31 49.73
CA GLY D 152 4.28 23.31 49.14
C GLY D 152 5.74 22.94 48.99
N GLU D 153 6.21 21.95 49.74
CA GLU D 153 7.57 21.47 49.65
C GLU D 153 7.77 20.64 48.38
N SER D 154 9.01 20.19 48.19
CA SER D 154 9.37 19.42 47.00
C SER D 154 10.02 18.12 47.46
N VAL D 155 9.68 17.01 46.80
CA VAL D 155 10.09 15.69 47.28
C VAL D 155 10.76 14.95 46.12
N SER D 156 11.70 14.06 46.45
CA SER D 156 12.33 13.18 45.49
C SER D 156 12.25 11.76 46.03
N ILE D 157 11.47 10.92 45.36
CA ILE D 157 11.36 9.49 45.60
C ILE D 157 12.28 8.74 44.64
N SER D 158 12.83 7.62 45.08
CA SER D 158 13.80 6.87 44.31
C SER D 158 13.26 5.45 44.12
N CYS D 159 13.63 4.84 43.01
CA CYS D 159 13.15 3.48 42.74
C CYS D 159 14.25 2.72 42.00
N ARG D 160 14.91 1.81 42.70
CA ARG D 160 15.94 0.97 42.10
C ARG D 160 15.32 -0.28 41.48
N SER D 161 15.95 -0.77 40.41
CA SER D 161 15.52 -1.98 39.73
C SER D 161 16.59 -3.05 39.84
N SER D 162 16.18 -4.32 39.97
CA SER D 162 17.15 -5.41 39.99
C SER D 162 17.81 -5.69 38.65
N LYS D 163 17.25 -5.20 37.54
CA LYS D 163 17.90 -5.35 36.24
C LYS D 163 17.91 -3.97 35.59
N SER D 164 18.85 -3.74 34.67
CA SER D 164 18.86 -2.49 33.93
C SER D 164 17.62 -2.45 33.04
N LEU D 165 16.87 -1.37 33.12
CA LEU D 165 15.71 -1.13 32.28
C LEU D 165 16.01 -0.37 31.00
N LEU D 166 17.23 0.10 30.81
CA LEU D 166 17.55 0.75 29.54
C LEU D 166 17.70 -0.30 28.45
N HIS D 167 16.97 -0.11 27.37
CA HIS D 167 16.94 -1.04 26.26
C HIS D 167 17.83 -0.47 25.15
N SER D 168 18.29 -1.37 24.26
CA SER D 168 19.12 -0.96 23.11
C SER D 168 18.46 0.07 22.19
N ASN D 169 17.15 0.24 22.20
CA ASN D 169 16.51 1.27 21.38
C ASN D 169 16.58 2.66 22.01
N GLY D 170 17.06 2.75 23.24
CA GLY D 170 17.20 4.04 23.90
C GLY D 170 16.12 4.40 24.90
N ASN D 171 15.01 3.67 24.92
CA ASN D 171 13.93 3.90 25.85
C ASN D 171 14.16 3.13 27.14
N THR D 172 13.73 3.71 28.26
CA THR D 172 13.79 3.04 29.56
C THR D 172 12.37 2.82 30.06
N TYR D 173 11.98 1.57 30.21
CA TYR D 173 10.58 1.16 30.34
C TYR D 173 10.17 1.16 31.81
N LEU D 174 10.05 2.35 32.39
CA LEU D 174 9.69 2.47 33.80
C LEU D 174 8.45 3.32 33.86
N TYR D 175 7.43 2.88 34.60
CA TYR D 175 6.16 3.59 34.65
C TYR D 175 5.91 3.98 36.11
N TRP D 176 5.29 5.14 36.33
CA TRP D 176 4.88 5.57 37.66
C TRP D 176 3.38 5.74 37.73
N PHE D 177 2.77 5.22 38.79
CA PHE D 177 1.34 5.40 39.05
C PHE D 177 1.12 6.03 40.42
N LEU D 178 -0.02 6.72 40.55
CA LEU D 178 -0.52 7.27 41.82
C LEU D 178 -1.87 6.66 42.15
N GLN D 179 -1.98 6.10 43.34
CA GLN D 179 -3.25 5.67 43.90
C GLN D 179 -3.60 6.54 45.09
N ARG D 180 -4.48 7.52 44.91
CA ARG D 180 -4.99 8.26 46.03
C ARG D 180 -5.90 7.36 46.86
N PRO D 181 -5.96 7.57 48.19
CA PRO D 181 -6.77 6.70 49.06
C PRO D 181 -8.24 6.67 48.66
N GLY D 182 -8.75 5.46 48.45
CA GLY D 182 -10.13 5.23 48.08
C GLY D 182 -10.44 5.34 46.60
N GLN D 183 -9.43 5.60 45.76
CA GLN D 183 -9.69 5.82 44.34
C GLN D 183 -8.89 4.79 43.55
N SER D 184 -9.16 4.68 42.26
CA SER D 184 -8.31 3.81 41.46
C SER D 184 -6.98 4.47 41.17
N PRO D 185 -5.92 3.71 40.92
CA PRO D 185 -4.65 4.32 40.51
C PRO D 185 -4.75 5.02 39.16
N GLN D 186 -3.90 6.02 38.98
CA GLN D 186 -3.84 6.86 37.80
C GLN D 186 -2.40 6.99 37.31
N LEU D 187 -2.21 6.81 36.01
CA LEU D 187 -0.90 6.97 35.41
C LEU D 187 -0.41 8.39 35.51
N LEU D 188 0.85 8.56 35.92
CA LEU D 188 1.47 9.87 35.91
C LEU D 188 2.54 9.99 34.84
N ILE D 189 3.52 9.09 34.84
CA ILE D 189 4.67 9.19 33.94
C ILE D 189 4.84 7.84 33.27
N TYR D 190 5.03 7.87 31.95
CA TYR D 190 5.38 6.70 31.17
C TYR D 190 6.76 6.88 30.56
N ARG D 191 7.49 5.77 30.51
CA ARG D 191 8.87 5.64 30.03
C ARG D 191 9.79 6.66 30.68
N MET D 192 9.79 6.65 32.01
CA MET D 192 10.68 7.35 32.95
C MET D 192 10.44 8.85 33.00
N SER D 193 10.21 9.52 31.87
CA SER D 193 10.18 10.98 31.89
C SER D 193 9.04 11.64 31.14
N ASN D 194 8.15 10.91 30.47
CA ASN D 194 7.08 11.52 29.69
C ASN D 194 5.83 11.66 30.54
N LEU D 195 5.29 12.88 30.60
CA LEU D 195 4.08 13.12 31.37
C LEU D 195 2.84 12.65 30.63
N ALA D 196 2.05 11.82 31.32
CA ALA D 196 0.78 11.33 30.78
C ALA D 196 -0.20 12.49 30.62
N SER D 197 -1.13 12.35 29.67
CA SER D 197 -2.18 13.34 29.44
C SER D 197 -3.01 13.58 30.70
N GLY D 198 -3.27 14.85 30.99
CA GLY D 198 -4.06 15.22 32.15
C GLY D 198 -3.29 15.36 33.43
N VAL D 199 -2.00 15.02 33.43
CA VAL D 199 -1.19 15.04 34.64
C VAL D 199 -0.54 16.42 34.79
N PRO D 200 -0.64 17.05 35.96
CA PRO D 200 -0.04 18.38 36.15
C PRO D 200 1.48 18.33 36.07
N ASP D 201 2.06 19.47 35.70
CA ASP D 201 3.50 19.63 35.47
C ASP D 201 4.33 19.65 36.76
N ARG D 202 3.71 19.45 37.93
CA ARG D 202 4.48 19.34 39.17
C ARG D 202 5.26 18.04 39.27
N PHE D 203 4.89 17.04 38.49
CA PHE D 203 5.58 15.75 38.45
C PHE D 203 6.66 15.77 37.39
N SER D 204 7.81 15.19 37.72
CA SER D 204 8.87 15.03 36.74
C SER D 204 9.62 13.74 37.03
N GLY D 205 10.12 13.13 35.98
CA GLY D 205 10.85 11.89 36.06
C GLY D 205 12.26 11.96 35.54
N SER D 206 13.12 11.18 36.17
CA SER D 206 14.53 11.12 35.79
C SER D 206 15.03 9.74 36.15
N GLY D 207 16.22 9.38 35.67
CA GLY D 207 16.77 8.09 36.01
C GLY D 207 17.84 7.67 35.02
N SER D 208 18.16 6.38 35.10
CA SER D 208 19.16 5.72 34.28
C SER D 208 18.90 4.22 34.39
N GLY D 209 19.86 3.41 33.95
CA GLY D 209 19.80 1.99 34.21
C GLY D 209 19.87 1.63 35.69
N THR D 210 18.91 0.80 36.13
CA THR D 210 18.69 0.34 37.51
C THR D 210 18.44 1.45 38.55
N ALA D 211 18.34 2.72 38.16
CA ALA D 211 18.10 3.74 39.18
C ALA D 211 17.13 4.77 38.64
N PHE D 212 16.11 5.14 39.42
CA PHE D 212 15.06 6.00 38.89
C PHE D 212 14.61 6.99 39.96
N THR D 213 14.05 8.11 39.51
CA THR D 213 13.68 9.18 40.42
C THR D 213 12.38 9.85 39.98
N LEU D 214 11.43 9.95 40.90
CA LEU D 214 10.24 10.77 40.78
C LEU D 214 10.40 12.03 41.61
N THR D 215 10.11 13.20 41.03
CA THR D 215 10.32 14.45 41.75
C THR D 215 9.04 15.28 41.64
N ILE D 216 8.57 15.79 42.78
CA ILE D 216 7.42 16.68 42.82
C ILE D 216 7.87 18.05 43.30
N SER D 217 7.47 19.10 42.56
CA SER D 217 7.79 20.46 42.94
C SER D 217 6.50 21.13 43.41
N ARG D 218 6.58 21.83 44.54
CA ARG D 218 5.46 22.52 45.24
C ARG D 218 4.26 21.58 45.42
N LEU D 219 4.41 20.64 46.35
CA LEU D 219 3.41 19.58 46.50
C LEU D 219 2.10 20.17 47.01
N GLU D 220 0.97 19.73 46.45
CA GLU D 220 -0.31 20.34 46.78
C GLU D 220 -1.21 19.32 47.47
N ALA D 221 -2.42 19.75 47.85
CA ALA D 221 -3.37 18.93 48.60
C ALA D 221 -3.92 17.83 47.70
N GLU D 222 -4.50 16.80 48.33
CA GLU D 222 -5.06 15.59 47.68
C GLU D 222 -4.01 14.70 47.00
N ASP D 223 -2.77 15.18 46.87
CA ASP D 223 -1.68 14.45 46.22
C ASP D 223 -1.16 13.30 47.10
N VAL D 224 -1.68 13.19 48.31
CA VAL D 224 -1.28 12.20 49.30
C VAL D 224 -1.81 10.86 48.82
N GLY D 225 -1.03 9.81 48.97
CA GLY D 225 -1.43 8.50 48.53
C GLY D 225 -0.23 7.61 48.31
N VAL D 226 -0.43 6.51 47.60
CA VAL D 226 0.63 5.55 47.34
C VAL D 226 1.12 5.68 45.90
N TYR D 227 2.45 5.68 45.75
CA TYR D 227 3.15 5.84 44.48
C TYR D 227 3.78 4.50 44.14
N TYR D 228 3.48 3.99 42.96
CA TYR D 228 3.98 2.71 42.51
C TYR D 228 4.92 2.92 41.33
N CYS D 229 6.02 2.17 41.37
CA CYS D 229 6.94 2.03 40.26
C CYS D 229 6.50 0.78 39.55
N MET D 230 6.83 0.65 38.27
CA MET D 230 6.43 -0.54 37.53
C MET D 230 7.45 -0.75 36.43
N GLN D 231 7.81 -2.00 36.17
CA GLN D 231 8.67 -2.30 35.04
C GLN D 231 7.86 -2.80 33.86
N HIS D 232 8.15 -2.29 32.67
CA HIS D 232 7.55 -2.82 31.46
C HIS D 232 8.62 -3.32 30.48
N LEU D 233 9.76 -3.75 31.00
CA LEU D 233 10.81 -4.32 30.16
C LEU D 233 10.47 -5.70 29.62
N GLU D 234 9.94 -6.59 30.45
CA GLU D 234 9.63 -7.95 30.02
C GLU D 234 8.47 -8.47 30.83
N TYR D 235 7.82 -9.47 30.30
CA TYR D 235 6.77 -10.05 31.09
C TYR D 235 7.33 -11.15 32.00
N PRO D 236 6.80 -11.30 33.23
CA PRO D 236 5.70 -10.57 33.86
C PRO D 236 6.04 -9.14 34.30
N LEU D 237 5.08 -8.26 34.10
CA LEU D 237 5.16 -6.90 34.62
C LEU D 237 5.17 -6.94 36.14
N THR D 238 5.99 -6.10 36.75
CA THR D 238 6.17 -6.17 38.19
C THR D 238 6.16 -4.77 38.76
N PHE D 239 5.61 -4.62 39.96
CA PHE D 239 5.47 -3.33 40.62
C PHE D 239 6.42 -3.28 41.79
N GLY D 240 6.75 -2.05 42.20
CA GLY D 240 7.38 -1.79 43.46
C GLY D 240 6.39 -1.88 44.61
N ALA D 241 6.97 -1.95 45.81
CA ALA D 241 6.20 -2.09 47.04
C ALA D 241 5.33 -0.88 47.36
N GLY D 242 5.57 0.27 46.72
CA GLY D 242 4.77 1.43 46.98
C GLY D 242 5.36 2.40 47.98
N THR D 243 5.30 3.69 47.68
CA THR D 243 5.76 4.72 48.60
C THR D 243 4.53 5.54 49.01
N LYS D 244 4.37 5.73 50.31
CA LYS D 244 3.19 6.37 50.85
C LYS D 244 3.49 7.82 51.22
N LEU D 245 2.58 8.72 50.87
CA LEU D 245 2.69 10.10 51.30
C LEU D 245 1.78 10.30 52.51
N GLU D 246 2.02 11.39 53.25
CA GLU D 246 1.17 11.74 54.38
C GLU D 246 1.23 13.23 54.60
N LEU D 247 0.14 13.79 55.12
CA LEU D 247 0.10 15.19 55.52
C LEU D 247 0.79 15.42 56.86
N MET E 63 24.00 -53.90 -23.78
CA MET E 63 25.42 -54.05 -24.07
C MET E 63 26.15 -52.72 -23.97
N VAL E 64 26.33 -52.06 -25.11
CA VAL E 64 26.99 -50.75 -25.16
C VAL E 64 26.01 -49.61 -25.32
N THR E 65 24.75 -49.88 -25.64
CA THR E 65 23.76 -48.81 -25.81
C THR E 65 23.23 -48.30 -24.48
N ALA E 66 23.35 -49.09 -23.41
CA ALA E 66 22.84 -48.65 -22.12
C ALA E 66 23.70 -47.55 -21.52
N ILE E 67 25.01 -47.59 -21.81
CA ILE E 67 25.94 -46.60 -21.26
C ILE E 67 25.70 -45.21 -21.85
N THR E 68 25.07 -45.12 -23.02
CA THR E 68 24.58 -43.86 -23.56
C THR E 68 23.10 -43.65 -23.30
N ILE E 69 22.37 -44.72 -22.94
CA ILE E 69 20.98 -44.57 -22.51
C ILE E 69 20.92 -43.80 -21.20
N MET E 70 21.94 -43.95 -20.34
CA MET E 70 22.02 -43.10 -19.15
C MET E 70 22.19 -41.63 -19.52
N ALA E 71 22.96 -41.33 -20.57
CA ALA E 71 23.16 -39.94 -21.00
C ALA E 71 21.86 -39.34 -21.53
N LEU E 72 21.15 -40.10 -22.37
CA LEU E 72 19.84 -39.64 -22.85
C LEU E 72 18.79 -39.60 -21.75
N TYR E 73 18.98 -40.36 -20.67
CA TYR E 73 18.06 -40.36 -19.55
C TYR E 73 18.33 -39.19 -18.60
N SER E 74 19.59 -38.77 -18.48
CA SER E 74 19.98 -37.73 -17.54
C SER E 74 20.05 -36.35 -18.16
N ILE E 75 20.11 -36.23 -19.49
CA ILE E 75 20.10 -34.90 -20.09
C ILE E 75 18.74 -34.24 -19.91
N VAL E 76 17.67 -35.04 -19.83
CA VAL E 76 16.34 -34.52 -19.54
C VAL E 76 16.28 -33.98 -18.12
N CYS E 77 16.89 -34.70 -17.16
CA CYS E 77 16.97 -34.22 -15.78
C CYS E 77 17.79 -32.96 -15.68
N VAL E 78 18.87 -32.88 -16.47
CA VAL E 78 19.75 -31.71 -16.44
C VAL E 78 19.03 -30.47 -16.95
N VAL E 79 18.39 -30.57 -18.13
CA VAL E 79 17.71 -29.40 -18.68
C VAL E 79 16.44 -29.10 -17.91
N GLY E 80 15.82 -30.10 -17.29
CA GLY E 80 14.63 -29.85 -16.49
C GLY E 80 14.94 -29.13 -15.20
N LEU E 81 15.96 -29.59 -14.47
CA LEU E 81 16.39 -28.90 -13.26
C LEU E 81 16.94 -27.50 -13.58
N PHE E 82 17.61 -27.35 -14.72
CA PHE E 82 18.13 -26.05 -15.13
C PHE E 82 16.99 -25.08 -15.43
N GLY E 83 15.98 -25.51 -16.20
CA GLY E 83 14.86 -24.65 -16.50
C GLY E 83 14.00 -24.34 -15.30
N ASN E 84 13.81 -25.33 -14.42
CA ASN E 84 13.07 -25.10 -13.18
C ASN E 84 13.78 -24.13 -12.25
N PHE E 85 15.12 -24.22 -12.18
CA PHE E 85 15.86 -23.27 -11.37
C PHE E 85 15.78 -21.86 -11.94
N LEU E 86 15.81 -21.74 -13.28
CA LEU E 86 15.63 -20.43 -13.90
C LEU E 86 14.25 -19.85 -13.62
N VAL E 87 13.21 -20.69 -13.68
CA VAL E 87 11.85 -20.20 -13.47
C VAL E 87 11.59 -19.83 -12.02
N MET E 88 12.07 -20.66 -11.08
CA MET E 88 11.89 -20.30 -9.68
C MET E 88 12.74 -19.11 -9.28
N TYR E 89 13.89 -18.90 -9.94
CA TYR E 89 14.72 -17.74 -9.63
C TYR E 89 14.09 -16.46 -10.18
N VAL E 90 13.54 -16.51 -11.41
CA VAL E 90 12.93 -15.31 -11.95
C VAL E 90 11.61 -15.01 -11.25
N ILE E 91 10.97 -16.04 -10.67
CA ILE E 91 9.76 -15.81 -9.88
C ILE E 91 10.12 -15.16 -8.55
N VAL E 92 11.17 -15.66 -7.88
CA VAL E 92 11.52 -15.13 -6.57
C VAL E 92 12.26 -13.80 -6.66
N ARG E 93 12.76 -13.43 -7.85
CA ARG E 93 13.54 -12.21 -7.98
C ARG E 93 12.90 -11.13 -8.85
N TYR E 94 11.88 -11.43 -9.65
CA TYR E 94 11.35 -10.41 -10.54
C TYR E 94 9.83 -10.32 -10.59
N THR E 95 9.09 -11.21 -9.93
CA THR E 95 7.64 -11.07 -9.83
C THR E 95 7.16 -10.85 -8.41
N LYS E 96 7.93 -11.33 -7.41
CA LYS E 96 7.73 -11.07 -5.98
C LYS E 96 6.38 -11.58 -5.46
N MET E 97 5.83 -12.60 -6.13
CA MET E 97 4.56 -13.30 -5.87
C MET E 97 3.40 -12.41 -5.41
N LYS E 98 3.28 -11.23 -6.03
CA LYS E 98 2.24 -10.29 -5.61
C LYS E 98 0.87 -10.73 -6.10
N THR E 99 0.74 -11.04 -7.38
CA THR E 99 -0.52 -11.50 -7.93
C THR E 99 -0.69 -13.00 -7.68
N ALA E 100 -1.86 -13.52 -8.05
CA ALA E 100 -2.19 -14.90 -7.73
C ALA E 100 -1.58 -15.89 -8.72
N THR E 101 -1.32 -15.47 -9.96
CA THR E 101 -0.89 -16.40 -10.99
C THR E 101 0.56 -16.83 -10.77
N ASN E 102 1.40 -15.91 -10.28
CA ASN E 102 2.79 -16.24 -9.97
C ASN E 102 2.91 -17.24 -8.85
N ILE E 103 1.91 -17.32 -7.96
CA ILE E 103 1.90 -18.34 -6.92
C ILE E 103 1.77 -19.72 -7.53
N TYR E 104 0.86 -19.89 -8.49
CA TYR E 104 0.71 -21.18 -9.16
C TYR E 104 1.91 -21.50 -10.03
N ILE E 105 2.51 -20.48 -10.64
CA ILE E 105 3.71 -20.70 -11.45
C ILE E 105 4.87 -21.17 -10.58
N PHE E 106 5.05 -20.57 -9.41
CA PHE E 106 6.09 -21.00 -8.48
C PHE E 106 5.79 -22.37 -7.90
N ASN E 107 4.51 -22.68 -7.69
CA ASN E 107 4.10 -24.02 -7.27
C ASN E 107 4.52 -25.07 -8.30
N LEU E 108 4.20 -24.84 -9.56
CA LEU E 108 4.54 -25.78 -10.61
C LEU E 108 6.04 -25.87 -10.82
N ALA E 109 6.76 -24.74 -10.66
CA ALA E 109 8.21 -24.75 -10.79
C ALA E 109 8.87 -25.54 -9.67
N LEU E 110 8.38 -25.39 -8.43
CA LEU E 110 8.95 -26.15 -7.32
C LEU E 110 8.64 -27.63 -7.43
N ALA E 111 7.40 -27.97 -7.81
CA ALA E 111 7.02 -29.37 -7.96
C ALA E 111 7.78 -30.05 -9.09
N ASP E 112 7.93 -29.36 -10.22
CA ASP E 112 8.70 -29.93 -11.32
C ASP E 112 10.19 -29.95 -11.04
N ALA E 113 10.70 -29.01 -10.23
CA ALA E 113 12.11 -29.04 -9.84
C ALA E 113 12.41 -30.25 -8.96
N LEU E 114 11.55 -30.50 -7.98
CA LEU E 114 11.76 -31.64 -7.10
C LEU E 114 11.54 -32.95 -7.84
N ALA E 115 10.60 -32.99 -8.78
CA ALA E 115 10.38 -34.19 -9.56
C ALA E 115 11.48 -34.42 -10.59
N THR E 116 12.13 -33.36 -11.07
CA THR E 116 13.21 -33.54 -12.03
C THR E 116 14.52 -33.89 -11.36
N SER E 117 14.74 -33.39 -10.14
CA SER E 117 15.87 -33.85 -9.35
C SER E 117 15.70 -35.29 -8.87
N THR E 118 14.47 -35.79 -8.89
CA THR E 118 14.21 -37.19 -8.56
C THR E 118 14.72 -38.11 -9.68
N LEU E 119 14.81 -37.58 -10.90
CA LEU E 119 15.09 -38.41 -12.07
C LEU E 119 16.46 -39.11 -12.09
N PRO E 120 17.58 -38.55 -11.60
CA PRO E 120 18.82 -39.36 -11.56
C PRO E 120 18.81 -40.49 -10.53
N PHE E 121 17.81 -40.59 -9.66
CA PHE E 121 17.77 -41.71 -8.73
C PHE E 121 17.48 -43.03 -9.44
N GLN E 122 16.55 -43.03 -10.39
CA GLN E 122 16.13 -44.27 -11.02
C GLN E 122 17.16 -44.83 -11.99
N SER E 123 18.11 -44.01 -12.46
CA SER E 123 19.00 -44.40 -13.55
C SER E 123 19.94 -45.53 -13.16
N VAL E 124 20.33 -45.59 -11.89
CA VAL E 124 21.19 -46.67 -11.41
C VAL E 124 20.48 -48.01 -11.37
N ASN E 125 19.14 -48.01 -11.46
CA ASN E 125 18.40 -49.25 -11.59
C ASN E 125 18.33 -49.75 -13.03
N TYR E 126 19.00 -49.07 -13.96
CA TYR E 126 19.09 -49.56 -15.34
C TYR E 126 20.51 -49.92 -15.73
N LEU E 127 21.53 -49.23 -15.22
CA LEU E 127 22.91 -49.60 -15.49
C LEU E 127 23.49 -50.49 -14.38
N MET E 128 23.41 -50.04 -13.13
CA MET E 128 24.00 -50.80 -12.03
C MET E 128 23.14 -51.97 -11.60
N GLY E 129 21.83 -51.89 -11.80
CA GLY E 129 20.93 -52.98 -11.50
C GLY E 129 20.44 -53.05 -10.06
N THR E 130 21.19 -52.51 -9.11
CA THR E 130 20.79 -52.46 -7.73
C THR E 130 20.27 -51.08 -7.41
N TRP E 131 20.07 -50.80 -6.11
CA TRP E 131 19.78 -49.46 -5.60
C TRP E 131 20.92 -49.17 -4.64
N PRO E 132 22.04 -48.61 -5.11
CA PRO E 132 23.19 -48.42 -4.21
C PRO E 132 23.08 -47.20 -3.30
N PHE E 133 21.89 -47.00 -2.74
CA PHE E 133 21.57 -45.94 -1.80
C PHE E 133 21.01 -46.50 -0.50
N GLY E 134 20.30 -47.62 -0.56
CA GLY E 134 19.88 -48.36 0.62
C GLY E 134 18.44 -48.09 1.02
N ASN E 135 18.10 -48.64 2.19
CA ASN E 135 16.79 -48.44 2.79
C ASN E 135 16.59 -46.99 3.21
N ILE E 136 17.67 -46.29 3.59
CA ILE E 136 17.59 -44.95 4.13
C ILE E 136 17.16 -43.90 3.12
N LEU E 137 17.16 -44.22 1.82
CA LEU E 137 16.71 -43.30 0.80
C LEU E 137 15.57 -43.81 -0.06
N CYS E 138 15.25 -45.11 -0.01
CA CYS E 138 14.23 -45.66 -0.89
C CYS E 138 12.85 -45.13 -0.55
N LYS E 139 12.48 -45.16 0.75
CA LYS E 139 11.21 -44.60 1.21
C LYS E 139 11.12 -43.11 0.91
N ILE E 140 12.21 -42.38 1.12
CA ILE E 140 12.21 -40.92 0.94
C ILE E 140 12.05 -40.56 -0.53
N VAL E 141 12.80 -41.23 -1.41
CA VAL E 141 12.77 -40.92 -2.83
C VAL E 141 11.43 -41.29 -3.45
N ILE E 142 10.89 -42.47 -3.10
CA ILE E 142 9.59 -42.85 -3.64
C ILE E 142 8.48 -41.96 -3.09
N SER E 143 8.61 -41.52 -1.83
CA SER E 143 7.62 -40.62 -1.24
C SER E 143 7.61 -39.26 -1.95
N ILE E 144 8.79 -38.68 -2.17
CA ILE E 144 8.81 -37.36 -2.80
C ILE E 144 8.50 -37.47 -4.30
N ASP E 145 8.77 -38.63 -4.92
CA ASP E 145 8.42 -38.81 -6.33
C ASP E 145 6.90 -38.86 -6.52
N TYR E 146 6.22 -39.75 -5.79
CA TYR E 146 4.78 -39.82 -5.86
C TYR E 146 4.09 -38.63 -5.20
N TYR E 147 4.81 -37.81 -4.44
CA TYR E 147 4.27 -36.56 -3.93
C TYR E 147 4.31 -35.47 -4.99
N ASN E 148 5.48 -35.28 -5.61
CA ASN E 148 5.68 -34.22 -6.58
C ASN E 148 4.92 -34.50 -7.89
N MET E 149 4.69 -35.77 -8.21
CA MET E 149 3.90 -36.12 -9.38
C MET E 149 2.47 -35.62 -9.26
N PHE E 150 1.79 -36.01 -8.18
CA PHE E 150 0.43 -35.54 -7.94
C PHE E 150 0.38 -34.04 -7.67
N THR E 151 1.47 -33.46 -7.15
CA THR E 151 1.50 -32.01 -6.95
C THR E 151 1.55 -31.28 -8.29
N SER E 152 2.36 -31.77 -9.24
CA SER E 152 2.40 -31.17 -10.57
C SER E 152 1.08 -31.34 -11.31
N ILE E 153 0.45 -32.51 -11.17
CA ILE E 153 -0.85 -32.75 -11.80
C ILE E 153 -1.91 -31.81 -11.23
N PHE E 154 -2.01 -31.73 -9.91
CA PHE E 154 -3.05 -30.92 -9.30
C PHE E 154 -2.75 -29.43 -9.39
N THR E 155 -1.49 -29.04 -9.57
CA THR E 155 -1.18 -27.65 -9.85
C THR E 155 -1.66 -27.27 -11.26
N LEU E 156 -1.47 -28.16 -12.23
CA LEU E 156 -2.04 -27.93 -13.56
C LEU E 156 -3.56 -27.87 -13.52
N CYS E 157 -4.19 -28.76 -12.74
CA CYS E 157 -5.65 -28.76 -12.62
C CYS E 157 -6.15 -27.48 -11.95
N THR E 158 -5.45 -27.02 -10.91
CA THR E 158 -5.89 -25.83 -10.20
C THR E 158 -5.65 -24.57 -11.01
N MET E 159 -4.57 -24.53 -11.80
CA MET E 159 -4.35 -23.41 -12.71
C MET E 159 -5.41 -23.39 -13.82
N SER E 160 -5.82 -24.58 -14.28
CA SER E 160 -6.87 -24.65 -15.29
C SER E 160 -8.22 -24.18 -14.74
N VAL E 161 -8.54 -24.59 -13.52
CA VAL E 161 -9.77 -24.13 -12.86
C VAL E 161 -9.70 -22.62 -12.62
N ASP E 162 -8.51 -22.10 -12.31
CA ASP E 162 -8.33 -20.66 -12.12
C ASP E 162 -8.57 -19.90 -13.42
N ARG E 163 -8.07 -20.42 -14.54
CA ARG E 163 -8.29 -19.76 -15.83
C ARG E 163 -9.75 -19.84 -16.25
N TYR E 164 -10.41 -20.97 -15.98
CA TYR E 164 -11.82 -21.11 -16.34
C TYR E 164 -12.69 -20.18 -15.51
N ILE E 165 -12.36 -20.00 -14.23
CA ILE E 165 -13.08 -19.04 -13.40
C ILE E 165 -12.80 -17.62 -13.88
N ALA E 166 -11.55 -17.33 -14.24
CA ALA E 166 -11.19 -15.99 -14.68
C ALA E 166 -11.78 -15.62 -16.03
N VAL E 167 -12.17 -16.60 -16.84
CA VAL E 167 -12.76 -16.26 -18.13
C VAL E 167 -14.26 -16.44 -18.14
N CYS E 168 -14.74 -17.64 -17.82
CA CYS E 168 -16.15 -17.93 -18.03
C CYS E 168 -17.06 -17.34 -16.94
N HIS E 169 -16.55 -17.19 -15.71
CA HIS E 169 -17.32 -16.62 -14.62
C HIS E 169 -16.59 -15.41 -14.05
N PRO E 170 -16.63 -14.27 -14.75
CA PRO E 170 -15.75 -13.14 -14.37
C PRO E 170 -16.17 -12.45 -13.09
N VAL E 171 -17.48 -12.27 -12.90
CA VAL E 171 -18.00 -11.61 -11.70
C VAL E 171 -17.67 -12.43 -10.46
N LYS E 172 -17.79 -13.76 -10.57
CA LYS E 172 -17.38 -14.63 -9.48
C LYS E 172 -15.86 -14.70 -9.38
N ALA E 173 -15.14 -14.43 -10.47
CA ALA E 173 -13.68 -14.43 -10.42
C ALA E 173 -13.15 -13.24 -9.62
N LEU E 174 -13.89 -12.14 -9.58
CA LEU E 174 -13.49 -11.07 -8.67
C LEU E 174 -13.63 -11.48 -7.21
N ASP E 175 -14.52 -12.42 -6.91
CA ASP E 175 -14.69 -12.88 -5.53
C ASP E 175 -13.67 -13.96 -5.16
N PHE E 176 -13.43 -14.91 -6.06
CA PHE E 176 -12.66 -16.10 -5.67
C PHE E 176 -11.16 -15.88 -5.75
N ARG E 177 -10.62 -15.62 -6.94
CA ARG E 177 -9.19 -15.80 -7.13
C ARG E 177 -8.33 -14.62 -6.67
N THR E 178 -8.54 -14.18 -5.44
CA THR E 178 -7.61 -13.29 -4.78
C THR E 178 -6.34 -14.05 -4.42
N PRO E 179 -5.19 -13.37 -4.32
CA PRO E 179 -3.94 -14.08 -3.94
C PRO E 179 -3.94 -14.66 -2.52
N ARG E 180 -4.89 -14.30 -1.66
CA ARG E 180 -5.03 -15.00 -0.39
C ARG E 180 -5.65 -16.38 -0.61
N ASN E 181 -6.74 -16.43 -1.38
CA ASN E 181 -7.41 -17.69 -1.63
C ASN E 181 -6.57 -18.60 -2.52
N ALA E 182 -5.75 -18.04 -3.40
CA ALA E 182 -4.85 -18.83 -4.22
C ALA E 182 -3.80 -19.52 -3.36
N LYS E 183 -3.28 -18.82 -2.34
CA LYS E 183 -2.31 -19.41 -1.44
C LYS E 183 -2.95 -20.53 -0.61
N ILE E 184 -4.18 -20.33 -0.14
CA ILE E 184 -4.74 -21.38 0.69
C ILE E 184 -5.20 -22.59 -0.15
N VAL E 185 -5.61 -22.39 -1.41
CA VAL E 185 -5.94 -23.55 -2.23
C VAL E 185 -4.67 -24.24 -2.73
N ASN E 186 -3.55 -23.51 -2.79
CA ASN E 186 -2.27 -24.15 -3.08
C ASN E 186 -1.85 -25.04 -1.92
N VAL E 187 -1.97 -24.55 -0.68
CA VAL E 187 -1.69 -25.39 0.48
C VAL E 187 -2.66 -26.57 0.54
N CYS E 188 -3.90 -26.36 0.11
CA CYS E 188 -4.90 -27.42 0.05
C CYS E 188 -4.50 -28.54 -0.90
N ASN E 189 -4.02 -28.21 -2.10
CA ASN E 189 -3.71 -29.32 -2.98
C ASN E 189 -2.30 -29.89 -2.73
N TRP E 190 -1.41 -29.16 -2.07
CA TRP E 190 -0.21 -29.81 -1.52
C TRP E 190 -0.58 -30.87 -0.48
N ILE E 191 -1.51 -30.55 0.41
CA ILE E 191 -1.94 -31.51 1.43
C ILE E 191 -2.72 -32.66 0.80
N LEU E 192 -3.50 -32.38 -0.23
CA LEU E 192 -4.24 -33.44 -0.91
C LEU E 192 -3.30 -34.33 -1.72
N SER E 193 -2.17 -33.79 -2.18
CA SER E 193 -1.14 -34.63 -2.77
C SER E 193 -0.45 -35.50 -1.73
N SER E 194 -0.25 -34.94 -0.53
CA SER E 194 0.32 -35.72 0.57
C SER E 194 -0.59 -36.86 0.99
N ALA E 195 -1.91 -36.66 0.88
CA ALA E 195 -2.90 -37.65 1.27
C ALA E 195 -2.85 -38.92 0.41
N ILE E 196 -2.26 -38.86 -0.78
CA ILE E 196 -2.01 -40.05 -1.59
C ILE E 196 -0.52 -40.37 -1.69
N GLY E 197 0.35 -39.44 -1.32
CA GLY E 197 1.77 -39.74 -1.31
C GLY E 197 2.21 -40.55 -0.10
N LEU E 198 1.62 -40.26 1.06
CA LEU E 198 1.94 -40.96 2.30
C LEU E 198 1.57 -42.45 2.34
N PRO E 199 0.47 -42.95 1.73
CA PRO E 199 0.34 -44.41 1.61
C PRO E 199 1.42 -45.06 0.76
N VAL E 200 1.91 -44.36 -0.27
CA VAL E 200 3.03 -44.86 -1.05
C VAL E 200 4.30 -44.88 -0.21
N MET E 201 4.44 -43.94 0.72
CA MET E 201 5.56 -43.97 1.64
C MET E 201 5.43 -45.10 2.65
N PHE E 202 4.20 -45.40 3.09
CA PHE E 202 3.95 -46.46 4.06
C PHE E 202 3.96 -47.85 3.45
N MET E 203 4.03 -47.98 2.12
CA MET E 203 4.12 -49.30 1.51
C MET E 203 5.42 -49.54 0.75
N ALA E 204 6.40 -48.65 0.84
CA ALA E 204 7.62 -48.74 0.03
C ALA E 204 8.72 -49.41 0.85
N THR E 205 8.80 -50.73 0.74
CA THR E 205 9.80 -51.51 1.46
C THR E 205 11.03 -51.75 0.57
N THR E 206 11.88 -52.68 0.98
CA THR E 206 13.05 -53.10 0.20
C THR E 206 13.15 -54.62 0.30
N LYS E 207 12.88 -55.30 -0.81
CA LYS E 207 12.91 -56.76 -0.87
C LYS E 207 14.02 -57.18 -1.84
N TYR E 208 15.00 -57.93 -1.32
CA TYR E 208 16.22 -58.20 -2.07
C TYR E 208 15.98 -59.17 -3.22
N ARG E 209 16.80 -59.01 -4.26
CA ARG E 209 16.76 -59.85 -5.45
C ARG E 209 17.74 -61.02 -5.26
N GLN E 210 18.14 -61.66 -6.36
CA GLN E 210 19.13 -62.73 -6.31
C GLN E 210 20.44 -62.26 -5.68
N GLY E 211 21.09 -61.27 -6.28
CA GLY E 211 22.05 -60.50 -5.54
C GLY E 211 22.08 -59.05 -5.97
N SER E 212 21.71 -58.16 -5.04
CA SER E 212 21.56 -56.72 -5.26
C SER E 212 21.16 -56.05 -3.96
N ILE E 213 20.95 -54.75 -4.01
CA ILE E 213 20.13 -54.03 -3.04
C ILE E 213 19.02 -53.35 -3.83
N ASP E 214 17.77 -53.62 -3.46
CA ASP E 214 16.64 -53.28 -4.31
C ASP E 214 15.93 -52.03 -3.78
N CYS E 215 14.96 -51.54 -4.55
CA CYS E 215 14.08 -50.46 -4.10
C CYS E 215 12.77 -50.61 -4.85
N THR E 216 11.70 -50.94 -4.13
CA THR E 216 10.45 -51.33 -4.75
C THR E 216 9.32 -51.05 -3.77
N LEU E 217 8.11 -51.48 -4.14
CA LEU E 217 6.92 -51.29 -3.33
C LEU E 217 6.27 -52.65 -3.08
N THR E 218 5.97 -52.94 -1.82
CA THR E 218 5.18 -54.11 -1.46
C THR E 218 3.77 -53.68 -1.07
N PHE E 219 2.92 -54.67 -0.87
CA PHE E 219 1.55 -54.44 -0.47
C PHE E 219 1.31 -54.99 0.94
N SER E 220 0.25 -54.51 1.57
CA SER E 220 -0.21 -55.03 2.85
C SER E 220 -1.12 -56.23 2.60
N HIS E 221 -1.87 -56.67 3.62
CA HIS E 221 -2.83 -57.75 3.42
C HIS E 221 -4.11 -57.20 2.78
N PRO E 222 -4.66 -57.88 1.75
CA PRO E 222 -4.19 -59.08 1.06
C PRO E 222 -3.00 -58.83 0.13
N THR E 223 -2.09 -59.81 0.07
CA THR E 223 -0.72 -59.57 -0.38
C THR E 223 -0.65 -59.28 -1.88
N TRP E 224 -1.30 -60.11 -2.69
CA TRP E 224 -1.11 -60.00 -4.14
C TRP E 224 -2.01 -58.93 -4.75
N TYR E 225 -3.24 -58.79 -4.26
CA TYR E 225 -4.23 -57.99 -4.97
C TYR E 225 -4.19 -56.50 -4.61
N TRP E 226 -3.58 -56.13 -3.48
CA TRP E 226 -3.65 -54.75 -3.02
C TRP E 226 -2.88 -53.80 -3.90
N GLU E 227 -1.77 -54.25 -4.49
CA GLU E 227 -0.98 -53.39 -5.36
C GLU E 227 -1.68 -53.15 -6.69
N ASN E 228 -2.56 -54.08 -7.08
CA ASN E 228 -3.32 -53.92 -8.32
C ASN E 228 -4.32 -52.77 -8.23
N LEU E 229 -4.74 -52.42 -7.01
CA LEU E 229 -5.57 -51.24 -6.83
C LEU E 229 -4.79 -49.96 -7.05
N LEU E 230 -3.50 -49.96 -6.71
CA LEU E 230 -2.72 -48.73 -6.70
C LEU E 230 -2.45 -48.20 -8.10
N LYS E 231 -2.08 -49.08 -9.03
CA LYS E 231 -1.78 -48.62 -10.39
C LYS E 231 -3.03 -48.14 -11.11
N ILE E 232 -4.16 -48.83 -10.90
CA ILE E 232 -5.42 -48.39 -11.49
C ILE E 232 -5.89 -47.10 -10.84
N CYS E 233 -5.61 -46.91 -9.55
CA CYS E 233 -5.98 -45.65 -8.89
C CYS E 233 -5.14 -44.49 -9.40
N VAL E 234 -3.83 -44.70 -9.57
CA VAL E 234 -2.96 -43.67 -10.14
C VAL E 234 -3.34 -43.37 -11.58
N PHE E 235 -3.77 -44.39 -12.33
CA PHE E 235 -4.19 -44.17 -13.71
C PHE E 235 -5.48 -43.36 -13.80
N ILE E 236 -6.49 -43.73 -12.99
CA ILE E 236 -7.78 -43.06 -13.07
C ILE E 236 -7.84 -41.76 -12.28
N PHE E 237 -6.86 -41.51 -11.42
CA PHE E 237 -6.86 -40.34 -10.56
C PHE E 237 -5.72 -39.39 -10.89
N ALA E 238 -4.80 -39.81 -11.76
CA ALA E 238 -3.63 -39.03 -12.12
C ALA E 238 -3.47 -38.84 -13.62
N PHE E 239 -4.22 -39.53 -14.44
CA PHE E 239 -4.21 -39.30 -15.88
C PHE E 239 -5.61 -39.15 -16.45
N ILE E 240 -6.60 -39.88 -15.95
CA ILE E 240 -7.93 -39.80 -16.52
C ILE E 240 -8.66 -38.56 -16.02
N MET E 241 -8.72 -38.36 -14.71
CA MET E 241 -9.31 -37.15 -14.16
C MET E 241 -8.62 -35.83 -14.56
N PRO E 242 -7.27 -35.69 -14.60
CA PRO E 242 -6.74 -34.40 -15.05
C PRO E 242 -6.96 -34.10 -16.51
N VAL E 243 -6.82 -35.11 -17.40
CA VAL E 243 -7.15 -34.87 -18.81
C VAL E 243 -8.63 -34.55 -18.97
N LEU E 244 -9.50 -35.29 -18.26
CA LEU E 244 -10.93 -35.06 -18.37
C LEU E 244 -11.36 -33.74 -17.75
N ILE E 245 -10.57 -33.17 -16.85
CA ILE E 245 -10.92 -31.85 -16.34
C ILE E 245 -10.29 -30.74 -17.18
N ILE E 246 -9.07 -30.90 -17.71
CA ILE E 246 -8.45 -29.77 -18.39
C ILE E 246 -8.74 -29.76 -19.88
N THR E 247 -9.40 -30.78 -20.43
CA THR E 247 -9.86 -30.55 -21.79
C THR E 247 -11.20 -29.81 -21.80
N VAL E 248 -12.09 -30.08 -20.85
CA VAL E 248 -13.35 -29.38 -20.78
C VAL E 248 -13.15 -27.98 -20.19
N CYS E 249 -12.31 -27.90 -19.15
CA CYS E 249 -12.02 -26.68 -18.43
C CYS E 249 -11.26 -25.66 -19.26
N TYR E 250 -10.69 -26.07 -20.38
CA TYR E 250 -10.13 -25.16 -21.36
C TYR E 250 -10.95 -25.04 -22.63
N GLY E 251 -11.69 -26.09 -23.02
CA GLY E 251 -12.52 -25.98 -24.21
C GLY E 251 -13.69 -25.05 -24.02
N LEU E 252 -14.26 -25.02 -22.82
CA LEU E 252 -15.32 -24.07 -22.56
C LEU E 252 -14.77 -22.66 -22.42
N MET E 253 -13.51 -22.53 -22.00
CA MET E 253 -12.85 -21.22 -22.03
C MET E 253 -12.64 -20.73 -23.46
N ILE E 254 -12.26 -21.63 -24.36
CA ILE E 254 -12.10 -21.25 -25.77
C ILE E 254 -13.44 -20.89 -26.39
N LEU E 255 -14.49 -21.67 -26.09
CA LEU E 255 -15.82 -21.36 -26.59
C LEU E 255 -16.40 -20.09 -25.98
N ARG E 256 -15.93 -19.68 -24.80
CA ARG E 256 -16.32 -18.38 -24.27
C ARG E 256 -15.55 -17.25 -24.95
N LEU E 257 -14.25 -17.45 -25.18
CA LEU E 257 -13.43 -16.41 -25.81
C LEU E 257 -13.75 -16.23 -27.29
N LYS E 258 -14.38 -17.21 -27.92
CA LYS E 258 -14.86 -17.00 -29.29
C LYS E 258 -16.07 -16.09 -29.36
N SER E 259 -16.73 -15.81 -28.24
CA SER E 259 -17.87 -14.90 -28.21
C SER E 259 -17.53 -13.59 -27.49
N VAL E 260 -16.25 -13.24 -27.42
CA VAL E 260 -15.79 -12.02 -26.76
C VAL E 260 -15.51 -10.98 -27.83
N ARG E 261 -16.14 -9.81 -27.69
CA ARG E 261 -15.98 -8.73 -28.65
C ARG E 261 -14.59 -8.12 -28.62
N MET E 262 -13.86 -8.28 -27.52
CA MET E 262 -12.50 -7.79 -27.41
C MET E 262 -11.54 -8.51 -28.35
N LEU E 263 -11.82 -9.78 -28.68
CA LEU E 263 -10.92 -10.57 -29.51
C LEU E 263 -11.59 -11.08 -30.78
N SER E 264 -12.76 -10.54 -31.14
CA SER E 264 -13.53 -11.15 -32.22
C SER E 264 -13.04 -10.69 -33.60
N GLY E 265 -13.16 -9.41 -33.91
CA GLY E 265 -12.79 -8.87 -35.19
C GLY E 265 -11.45 -8.18 -35.16
N SER E 266 -11.19 -7.37 -36.20
CA SER E 266 -9.99 -6.53 -36.34
C SER E 266 -8.72 -7.36 -36.29
N LYS E 267 -8.45 -8.11 -37.37
CA LYS E 267 -7.66 -9.34 -37.47
C LYS E 267 -6.40 -9.47 -36.62
N GLU E 268 -5.76 -8.35 -36.26
CA GLU E 268 -4.68 -8.43 -35.27
C GLU E 268 -5.21 -8.95 -33.93
N LYS E 269 -6.40 -8.49 -33.53
CA LYS E 269 -7.00 -9.04 -32.32
C LYS E 269 -7.49 -10.47 -32.54
N ASP E 270 -7.91 -10.79 -33.77
CA ASP E 270 -8.20 -12.17 -34.11
C ASP E 270 -6.94 -13.01 -34.09
N ARG E 271 -5.79 -12.41 -34.44
CA ARG E 271 -4.52 -13.11 -34.30
C ARG E 271 -4.15 -13.31 -32.83
N ASN E 272 -4.52 -12.38 -31.95
CA ASN E 272 -4.27 -12.59 -30.52
C ASN E 272 -5.16 -13.70 -29.96
N LEU E 273 -6.41 -13.77 -30.40
CA LEU E 273 -7.29 -14.87 -30.04
C LEU E 273 -6.74 -16.20 -30.57
N ARG E 274 -6.19 -16.17 -31.79
CA ARG E 274 -5.53 -17.35 -32.35
C ARG E 274 -4.32 -17.75 -31.51
N ARG E 275 -3.59 -16.77 -30.99
CA ARG E 275 -2.43 -17.06 -30.13
C ARG E 275 -2.86 -17.72 -28.84
N ILE E 276 -3.96 -17.26 -28.24
CA ILE E 276 -4.49 -17.88 -27.02
C ILE E 276 -4.91 -19.32 -27.29
N THR E 277 -5.61 -19.55 -28.41
CA THR E 277 -6.03 -20.91 -28.75
C THR E 277 -4.84 -21.81 -29.09
N ARG E 278 -3.80 -21.26 -29.73
CA ARG E 278 -2.59 -22.05 -29.98
C ARG E 278 -1.90 -22.44 -28.69
N MET E 279 -1.81 -21.52 -27.72
CA MET E 279 -1.16 -21.84 -26.46
C MET E 279 -1.93 -22.88 -25.67
N VAL E 280 -3.26 -22.80 -25.69
CA VAL E 280 -4.08 -23.77 -24.97
C VAL E 280 -4.02 -25.15 -25.63
N LEU E 281 -4.11 -25.20 -26.96
CA LEU E 281 -4.00 -26.48 -27.65
C LEU E 281 -2.62 -27.09 -27.51
N VAL E 282 -1.57 -26.26 -27.47
CA VAL E 282 -0.21 -26.77 -27.30
C VAL E 282 -0.01 -27.33 -25.90
N VAL E 283 -0.57 -26.67 -24.87
CA VAL E 283 -0.34 -27.19 -23.51
C VAL E 283 -1.15 -28.47 -23.26
N VAL E 284 -2.37 -28.55 -23.81
CA VAL E 284 -3.14 -29.79 -23.64
C VAL E 284 -2.52 -30.92 -24.45
N ALA E 285 -2.02 -30.60 -25.66
CA ALA E 285 -1.40 -31.61 -26.50
C ALA E 285 -0.07 -32.10 -25.93
N VAL E 286 0.69 -31.21 -25.29
CA VAL E 286 1.97 -31.65 -24.75
C VAL E 286 1.74 -32.43 -23.46
N PHE E 287 0.66 -32.13 -22.73
CA PHE E 287 0.28 -32.95 -21.58
C PHE E 287 -0.08 -34.36 -22.01
N ILE E 288 -0.91 -34.48 -23.05
CA ILE E 288 -1.33 -35.79 -23.53
C ILE E 288 -0.15 -36.54 -24.13
N VAL E 289 0.68 -35.87 -24.92
CA VAL E 289 1.79 -36.55 -25.60
C VAL E 289 2.88 -36.95 -24.61
N CYS E 290 3.00 -36.22 -23.49
CA CYS E 290 4.02 -36.58 -22.51
C CYS E 290 3.55 -37.72 -21.62
N TRP E 291 2.34 -37.63 -21.08
CA TRP E 291 1.92 -38.61 -20.08
C TRP E 291 0.93 -39.65 -20.59
N THR E 292 0.81 -39.85 -21.89
CA THR E 292 0.09 -41.04 -22.35
C THR E 292 0.90 -42.34 -22.16
N PRO E 293 2.12 -42.50 -22.73
CA PRO E 293 2.67 -43.87 -22.77
C PRO E 293 3.15 -44.37 -21.44
N ILE E 294 3.50 -43.48 -20.50
CA ILE E 294 3.92 -43.92 -19.18
C ILE E 294 2.74 -44.45 -18.38
N HIS E 295 1.52 -44.05 -18.72
CA HIS E 295 0.34 -44.61 -18.08
C HIS E 295 -0.30 -45.72 -18.90
N ILE E 296 -0.04 -45.79 -20.20
CA ILE E 296 -0.55 -46.90 -20.99
C ILE E 296 0.29 -48.15 -20.76
N TYR E 297 1.63 -48.00 -20.76
CA TYR E 297 2.48 -49.17 -20.62
C TYR E 297 2.44 -49.74 -19.21
N VAL E 298 2.15 -48.89 -18.21
CA VAL E 298 2.09 -49.38 -16.83
C VAL E 298 0.82 -50.18 -16.59
N ILE E 299 -0.15 -50.13 -17.50
CA ILE E 299 -1.34 -50.96 -17.40
C ILE E 299 -1.15 -52.18 -18.31
N ILE E 300 -0.44 -51.99 -19.43
CA ILE E 300 -0.19 -53.12 -20.33
C ILE E 300 0.75 -54.14 -19.68
N LYS E 301 1.72 -53.66 -18.90
CA LYS E 301 2.60 -54.56 -18.15
C LYS E 301 1.81 -55.33 -17.08
N ALA E 302 0.81 -54.70 -16.47
CA ALA E 302 0.02 -55.37 -15.46
C ALA E 302 -1.00 -56.33 -16.05
N LEU E 303 -1.48 -56.06 -17.26
CA LEU E 303 -2.50 -56.90 -17.87
C LEU E 303 -1.89 -58.16 -18.50
N ILE E 304 -0.97 -57.97 -19.44
CA ILE E 304 -0.31 -59.08 -20.12
C ILE E 304 1.16 -59.10 -19.73
N THR E 305 1.72 -60.30 -19.60
CA THR E 305 3.11 -60.48 -19.23
C THR E 305 3.97 -60.41 -20.49
N ILE E 306 4.73 -59.33 -20.61
CA ILE E 306 5.60 -59.10 -21.76
C ILE E 306 6.87 -59.95 -21.60
N PRO E 307 7.39 -60.55 -22.66
CA PRO E 307 8.73 -61.11 -22.59
C PRO E 307 9.78 -60.01 -22.69
N GLU E 308 10.85 -60.17 -21.91
CA GLU E 308 11.92 -59.18 -21.88
C GLU E 308 12.74 -59.27 -23.16
N THR E 309 12.65 -58.24 -23.99
CA THR E 309 13.43 -58.14 -25.21
C THR E 309 14.56 -57.15 -25.02
N THR E 310 15.68 -57.39 -25.72
CA THR E 310 16.89 -56.60 -25.51
C THR E 310 16.78 -55.17 -26.03
N PHE E 311 15.71 -54.83 -26.77
CA PHE E 311 15.46 -53.46 -27.13
C PHE E 311 14.34 -52.83 -26.30
N GLN E 312 13.68 -53.62 -25.45
CA GLN E 312 12.43 -53.18 -24.83
C GLN E 312 12.67 -52.14 -23.75
N THR E 313 13.56 -52.45 -22.81
CA THR E 313 13.69 -51.63 -21.61
C THR E 313 14.34 -50.28 -21.88
N VAL E 314 15.14 -50.14 -22.94
CA VAL E 314 15.68 -48.82 -23.25
C VAL E 314 14.59 -47.92 -23.79
N SER E 315 13.64 -48.48 -24.55
CA SER E 315 12.51 -47.67 -25.01
C SER E 315 11.53 -47.43 -23.88
N TRP E 316 11.46 -48.31 -22.89
CA TRP E 316 10.58 -48.03 -21.77
C TRP E 316 11.20 -47.01 -20.80
N HIS E 317 12.52 -46.97 -20.69
CA HIS E 317 13.10 -45.87 -19.93
C HIS E 317 13.06 -44.57 -20.72
N PHE E 318 13.04 -44.64 -22.05
CA PHE E 318 12.67 -43.46 -22.84
C PHE E 318 11.22 -43.07 -22.61
N CYS E 319 10.34 -44.04 -22.32
CA CYS E 319 8.97 -43.72 -21.98
C CYS E 319 8.90 -43.01 -20.63
N ILE E 320 9.74 -43.42 -19.68
CA ILE E 320 9.86 -42.68 -18.42
C ILE E 320 10.43 -41.29 -18.68
N ALA E 321 11.33 -41.17 -19.65
CA ALA E 321 11.93 -39.88 -19.99
C ALA E 321 10.90 -38.91 -20.56
N LEU E 322 10.06 -39.36 -21.48
CA LEU E 322 9.03 -38.43 -21.93
C LEU E 322 7.85 -38.37 -20.96
N GLY E 323 7.82 -39.23 -19.94
CA GLY E 323 6.97 -38.95 -18.81
C GLY E 323 7.42 -37.71 -18.06
N TYR E 324 8.70 -37.66 -17.70
CA TYR E 324 9.21 -36.48 -17.00
C TYR E 324 9.51 -35.30 -17.92
N THR E 325 9.37 -35.47 -19.23
CA THR E 325 9.53 -34.34 -20.13
C THR E 325 8.42 -33.32 -19.99
N ASN E 326 7.25 -33.73 -19.47
CA ASN E 326 6.23 -32.76 -19.07
C ASN E 326 6.77 -31.88 -17.95
N SER E 327 7.39 -32.49 -16.94
CA SER E 327 8.00 -31.76 -15.84
C SER E 327 9.14 -30.87 -16.31
N CYS E 328 9.82 -31.26 -17.38
CA CYS E 328 10.83 -30.40 -17.98
C CYS E 328 10.21 -29.20 -18.70
N LEU E 329 9.41 -29.47 -19.74
CA LEU E 329 8.96 -28.43 -20.66
C LEU E 329 7.72 -27.70 -20.18
N ASN E 330 7.22 -27.97 -18.98
CA ASN E 330 6.01 -27.27 -18.54
C ASN E 330 6.28 -25.83 -18.12
N PRO E 331 7.31 -25.50 -17.29
CA PRO E 331 7.60 -24.08 -17.09
C PRO E 331 8.30 -23.45 -18.27
N VAL E 332 8.91 -24.26 -19.15
CA VAL E 332 9.44 -23.75 -20.40
C VAL E 332 8.30 -23.25 -21.28
N LEU E 333 7.16 -23.94 -21.24
CA LEU E 333 6.00 -23.53 -22.02
C LEU E 333 5.25 -22.38 -21.34
N TYR E 334 5.19 -22.37 -20.00
CA TYR E 334 4.43 -21.32 -19.32
C TYR E 334 5.24 -20.03 -19.18
N ALA E 335 6.36 -20.08 -18.45
CA ALA E 335 7.02 -18.85 -18.02
C ALA E 335 7.74 -18.13 -19.16
N PHE E 336 7.97 -18.79 -20.29
CA PHE E 336 8.58 -18.12 -21.43
C PHE E 336 7.53 -17.56 -22.40
N LEU E 337 6.42 -18.28 -22.59
CA LEU E 337 5.38 -17.82 -23.51
C LEU E 337 4.28 -17.05 -22.77
N ASP E 338 4.71 -16.02 -22.05
CA ASP E 338 3.80 -15.07 -21.41
C ASP E 338 4.26 -13.65 -21.69
N GLU E 339 3.64 -12.68 -21.02
CA GLU E 339 4.10 -11.30 -21.05
C GLU E 339 4.84 -10.90 -19.79
N ASN E 340 4.83 -11.75 -18.76
CA ASN E 340 5.51 -11.45 -17.51
C ASN E 340 7.00 -11.72 -17.55
N PHE E 341 7.49 -12.39 -18.60
CA PHE E 341 8.93 -12.56 -18.74
C PHE E 341 9.60 -11.26 -19.14
N LYS E 342 8.89 -10.38 -19.84
CA LYS E 342 9.45 -9.10 -20.26
C LYS E 342 9.58 -8.12 -19.10
N ARG E 343 8.89 -8.35 -17.99
CA ARG E 343 8.98 -7.49 -16.83
C ARG E 343 9.34 -8.28 -15.58
N TYR F 1 8.08 -41.68 -11.92
CA TYR F 1 7.05 -42.69 -12.12
C TYR F 1 7.47 -43.64 -13.23
N DAL F 2 7.18 -44.92 -13.04
CA DAL F 2 7.60 -45.92 -14.01
CB DAL F 2 6.50 -46.95 -14.20
C DAL F 2 8.88 -46.58 -13.53
O DAL F 2 9.24 -47.66 -14.00
N GLY F 3 9.57 -45.93 -12.60
CA GLY F 3 10.73 -46.51 -11.98
C GLY F 3 10.27 -47.37 -10.80
C1 MEA F 4 12.47 -48.47 -10.82
N MEA F 4 11.20 -48.14 -10.22
CA MEA F 4 10.95 -49.01 -9.06
C MEA F 4 9.84 -50.01 -9.34
O MEA F 4 8.66 -49.88 -9.00
CB MEA F 4 10.60 -48.25 -7.76
CG MEA F 4 11.13 -46.87 -7.70
CD1 MEA F 4 12.50 -46.65 -7.60
CE1 MEA F 4 13.00 -45.35 -7.54
CZ MEA F 4 12.12 -44.27 -7.57
CE2 MEA F 4 10.75 -44.49 -7.65
CD2 MEA F 4 10.26 -45.79 -7.72
CA ETA F 5 8.93 -51.85 -10.65
N ETA F 5 10.03 -50.95 -10.26
C ETA F 5 8.40 -51.54 -12.07
O ETA F 5 9.30 -52.18 -13.03
#